data_3RQG
#
_entry.id   3RQG
#
_cell.length_a   62.941
_cell.length_b   116.159
_cell.length_c   124.635
_cell.angle_alpha   90.00
_cell.angle_beta   90.00
_cell.angle_gamma   90.00
#
_symmetry.space_group_name_H-M   'P 21 21 21'
#
loop_
_entity.id
_entity.type
_entity.pdbx_description
1 polymer 'Programmed cell death protein 10'
2 polymer 'Paxillin LD4 peptide'
3 water water
#
loop_
_entity_poly.entity_id
_entity_poly.type
_entity_poly.pdbx_seq_one_letter_code
_entity_poly.pdbx_strand_id
1 'polypeptide(L)'
;GHMRMTMEEMKNEAETTSMVSMPLYAVMYPVFNELERVNLSAAQTLRAAFIKAEKENPGLTQDIIMKILEKKSVEVNFTE
SLLRMAADDVEEYMIERPEPEFQDLNEKARALKQILSKIPDEINDRVRFLQTIKDIASAIKELLDTVNNVFKKYQYQNRR
ALEHQKKEFVKYSKSFSDTLKTYFKDGKAINVFVSANRLIHQTNLILQTFKTVA
;
A,B,C,D
2 'polypeptide(L)' ATRELDELMASLS E
#
# COMPACT_ATOMS: atom_id res chain seq x y z
N SER A 18 8.58 1.99 7.84
CA SER A 18 8.84 1.94 6.37
C SER A 18 8.18 0.72 5.74
N MET A 19 7.96 0.78 4.44
CA MET A 19 7.50 -0.42 3.75
C MET A 19 8.00 -0.54 2.32
N VAL A 20 9.19 -1.11 2.19
CA VAL A 20 9.65 -1.63 0.91
C VAL A 20 8.67 -2.71 0.44
N SER A 21 7.74 -3.09 1.31
CA SER A 21 6.71 -4.08 0.99
C SER A 21 5.37 -3.53 0.49
N MET A 22 5.19 -2.21 0.48
CA MET A 22 3.89 -1.66 0.07
C MET A 22 3.35 -2.20 -1.27
N PRO A 23 4.22 -2.34 -2.30
CA PRO A 23 3.78 -2.84 -3.61
C PRO A 23 3.16 -4.24 -3.58
N LEU A 24 3.50 -5.05 -2.59
CA LEU A 24 2.84 -6.33 -2.44
C LEU A 24 1.34 -6.08 -2.24
N TYR A 25 1.05 -5.16 -1.34
CA TYR A 25 -0.32 -4.85 -0.98
C TYR A 25 -0.99 -3.90 -1.96
N ALA A 26 -0.23 -2.95 -2.50
CA ALA A 26 -0.82 -1.93 -3.36
C ALA A 26 -0.92 -2.33 -4.83
N VAL A 27 -0.05 -3.24 -5.29
CA VAL A 27 -0.11 -3.73 -6.68
C VAL A 27 -0.53 -5.21 -6.77
N MET A 28 0.17 -6.11 -6.09
CA MET A 28 -0.06 -7.54 -6.30
C MET A 28 -1.41 -8.06 -5.77
N TYR A 29 -1.79 -7.67 -4.55
CA TYR A 29 -3.10 -8.00 -4.01
C TYR A 29 -4.26 -7.57 -4.92
N PRO A 30 -4.34 -6.27 -5.27
CA PRO A 30 -5.42 -5.88 -6.18
C PRO A 30 -5.33 -6.61 -7.53
N VAL A 31 -4.12 -6.90 -8.00
CA VAL A 31 -3.94 -7.69 -9.23
C VAL A 31 -4.59 -9.05 -9.09
N PHE A 32 -4.40 -9.70 -7.94
CA PHE A 32 -4.96 -11.02 -7.72
C PHE A 32 -6.45 -10.97 -7.41
N ASN A 33 -6.86 -9.99 -6.59
CA ASN A 33 -8.26 -9.77 -6.29
C ASN A 33 -9.10 -9.59 -7.55
N GLU A 34 -8.52 -8.91 -8.54
CA GLU A 34 -9.23 -8.56 -9.76
C GLU A 34 -9.16 -9.65 -10.84
N LEU A 35 -8.50 -10.76 -10.54
CA LEU A 35 -8.45 -11.91 -11.44
C LEU A 35 -9.19 -13.13 -10.90
N GLU A 36 -9.75 -13.00 -9.69
CA GLU A 36 -10.46 -14.10 -9.03
C GLU A 36 -11.61 -14.67 -9.83
N ARG A 37 -12.39 -13.79 -10.46
CA ARG A 37 -13.56 -14.19 -11.24
C ARG A 37 -13.20 -15.21 -12.31
N VAL A 38 -12.18 -14.89 -13.10
CA VAL A 38 -11.69 -15.76 -14.17
C VAL A 38 -11.16 -17.08 -13.61
N ASN A 39 -10.23 -17.00 -12.65
CA ASN A 39 -9.81 -18.17 -11.85
C ASN A 39 -9.40 -17.77 -10.42
N LEU A 40 -9.92 -18.51 -9.45
CA LEU A 40 -9.77 -18.21 -8.02
C LEU A 40 -8.60 -18.97 -7.38
N SER A 41 -8.48 -20.25 -7.70
CA SER A 41 -7.46 -21.14 -7.13
C SER A 41 -6.07 -20.63 -7.44
N ALA A 42 -5.84 -20.28 -8.70
CA ALA A 42 -4.57 -19.77 -9.16
C ALA A 42 -4.26 -18.44 -8.47
N ALA A 43 -5.25 -17.55 -8.46
CA ALA A 43 -5.15 -16.26 -7.76
C ALA A 43 -4.76 -16.43 -6.30
N GLN A 44 -5.37 -17.40 -5.62
CA GLN A 44 -5.06 -17.73 -4.25
C GLN A 44 -3.63 -18.28 -4.09
N THR A 45 -3.30 -19.35 -4.82
CA THR A 45 -1.99 -19.98 -4.71
C THR A 45 -0.85 -18.99 -4.98
N LEU A 46 -1.06 -18.07 -5.93
CA LEU A 46 -0.04 -17.08 -6.28
C LEU A 46 0.08 -15.97 -5.27
N ARG A 47 -1.06 -15.52 -4.74
CA ARG A 47 -1.06 -14.60 -3.59
C ARG A 47 -0.20 -15.18 -2.48
N ALA A 48 -0.46 -16.45 -2.15
CA ALA A 48 0.24 -17.16 -1.09
C ALA A 48 1.75 -17.25 -1.34
N ALA A 49 2.12 -17.53 -2.59
CA ALA A 49 3.54 -17.61 -2.97
C ALA A 49 4.27 -16.28 -2.81
N PHE A 50 3.70 -15.20 -3.37
CA PHE A 50 4.26 -13.85 -3.25
C PHE A 50 4.39 -13.37 -1.80
N ILE A 51 3.38 -13.68 -1.00
CA ILE A 51 3.36 -13.31 0.41
C ILE A 51 4.50 -14.01 1.14
N LYS A 52 4.64 -15.31 0.87
CA LYS A 52 5.68 -16.14 1.47
C LYS A 52 7.03 -15.56 1.09
N ALA A 53 7.18 -15.22 -0.18
CA ALA A 53 8.42 -14.68 -0.73
C ALA A 53 8.77 -13.29 -0.18
N GLU A 54 7.79 -12.40 -0.09
CA GLU A 54 8.02 -11.05 0.44
C GLU A 54 8.42 -11.07 1.91
N LYS A 55 7.76 -11.93 2.67
CA LYS A 55 8.07 -12.13 4.07
C LYS A 55 9.54 -12.55 4.24
N GLU A 56 9.97 -13.48 3.40
CA GLU A 56 11.33 -14.00 3.47
C GLU A 56 12.35 -13.06 2.82
N ASN A 57 11.86 -12.20 1.93
CA ASN A 57 12.74 -11.33 1.14
C ASN A 57 12.19 -9.92 0.94
N PRO A 58 12.11 -9.12 2.02
CA PRO A 58 11.55 -7.76 1.93
C PRO A 58 12.16 -6.96 0.77
N GLY A 59 11.30 -6.39 -0.08
CA GLY A 59 11.75 -5.68 -1.27
C GLY A 59 11.68 -6.45 -2.57
N LEU A 60 11.56 -7.78 -2.48
CA LEU A 60 11.54 -8.63 -3.66
C LEU A 60 10.40 -8.32 -4.63
N THR A 61 9.18 -8.20 -4.09
CA THR A 61 8.00 -7.97 -4.91
C THR A 61 8.14 -6.69 -5.76
N GLN A 62 8.68 -5.65 -5.14
CA GLN A 62 8.92 -4.39 -5.83
C GLN A 62 9.89 -4.57 -7.00
N ASP A 63 10.99 -5.27 -6.75
CA ASP A 63 12.00 -5.53 -7.76
C ASP A 63 11.41 -6.35 -8.91
N ILE A 64 10.57 -7.33 -8.57
CA ILE A 64 9.83 -8.11 -9.58
C ILE A 64 8.94 -7.21 -10.44
N ILE A 65 8.06 -6.44 -9.79
CA ILE A 65 7.21 -5.46 -10.51
C ILE A 65 8.03 -4.59 -11.45
N MET A 66 9.13 -4.01 -10.96
CA MET A 66 9.98 -3.16 -11.81
C MET A 66 10.52 -3.92 -13.02
N LYS A 67 11.01 -5.13 -12.82
CA LYS A 67 11.52 -5.94 -13.92
C LYS A 67 10.45 -6.21 -14.98
N ILE A 68 9.22 -6.44 -14.54
CA ILE A 68 8.09 -6.62 -15.45
C ILE A 68 7.86 -5.33 -16.22
N LEU A 69 7.71 -4.22 -15.50
CA LEU A 69 7.56 -2.90 -16.11
C LEU A 69 8.66 -2.55 -17.10
N GLU A 70 9.88 -2.98 -16.83
CA GLU A 70 11.01 -2.72 -17.73
C GLU A 70 10.96 -3.53 -19.04
N LYS A 71 10.09 -4.55 -19.06
CA LYS A 71 9.90 -5.40 -20.23
C LYS A 71 8.68 -4.93 -21.04
N LYS A 72 8.28 -3.69 -20.82
CA LYS A 72 7.10 -3.10 -21.46
C LYS A 72 7.00 -3.34 -22.98
N SER A 73 8.14 -3.19 -23.67
CA SER A 73 8.23 -3.36 -25.13
C SER A 73 7.93 -4.78 -25.57
N VAL A 74 8.59 -5.76 -24.96
CA VAL A 74 8.33 -7.16 -25.21
C VAL A 74 6.83 -7.42 -25.08
N GLU A 75 6.25 -6.88 -24.01
CA GLU A 75 4.86 -7.08 -23.68
C GLU A 75 3.89 -6.41 -24.65
N VAL A 76 4.22 -5.19 -25.07
CA VAL A 76 3.39 -4.49 -26.06
C VAL A 76 3.43 -5.27 -27.36
N ASN A 77 4.63 -5.64 -27.81
CA ASN A 77 4.79 -6.45 -29.02
C ASN A 77 3.91 -7.71 -28.99
N PHE A 78 3.88 -8.42 -27.86
CA PHE A 78 3.07 -9.62 -27.76
C PHE A 78 1.56 -9.34 -27.76
N THR A 79 1.13 -8.29 -27.08
CA THR A 79 -0.29 -7.92 -27.09
C THR A 79 -0.76 -7.53 -28.51
N GLU A 80 0.10 -6.85 -29.26
CA GLU A 80 -0.13 -6.58 -30.69
C GLU A 80 -0.36 -7.86 -31.50
N SER A 81 0.51 -8.85 -31.30
CA SER A 81 0.40 -10.12 -32.00
C SER A 81 -0.89 -10.87 -31.64
N LEU A 82 -1.23 -10.84 -30.36
CA LEU A 82 -2.42 -11.49 -29.84
C LEU A 82 -3.68 -10.87 -30.46
N LEU A 83 -3.66 -9.55 -30.64
CA LEU A 83 -4.77 -8.84 -31.30
C LEU A 83 -4.84 -9.16 -32.80
N ARG A 84 -3.70 -9.22 -33.48
CA ARG A 84 -3.67 -9.59 -34.91
C ARG A 84 -4.19 -11.01 -35.13
N MET A 85 -3.94 -11.86 -34.15
CA MET A 85 -4.33 -13.26 -34.18
C MET A 85 -5.83 -13.42 -33.95
N ALA A 86 -6.41 -12.51 -33.17
CA ALA A 86 -7.81 -12.60 -32.77
C ALA A 86 -8.81 -12.53 -33.93
N ALA A 87 -8.35 -12.11 -35.11
CA ALA A 87 -9.21 -11.87 -36.26
C ALA A 87 -9.69 -13.10 -37.01
N ASP A 88 -8.77 -14.01 -37.35
CA ASP A 88 -9.09 -15.08 -38.30
C ASP A 88 -10.19 -16.01 -37.79
N ASP A 89 -11.03 -16.45 -38.72
CA ASP A 89 -12.20 -17.26 -38.42
C ASP A 89 -11.78 -18.55 -37.72
N VAL A 90 -12.35 -18.79 -36.55
CA VAL A 90 -12.07 -19.99 -35.76
C VAL A 90 -13.30 -20.91 -35.71
N GLU A 91 -13.09 -22.19 -35.96
CA GLU A 91 -14.19 -23.17 -36.02
C GLU A 91 -14.84 -23.40 -34.66
N GLU A 92 -15.83 -22.56 -34.35
CA GLU A 92 -16.66 -22.67 -33.15
C GLU A 92 -17.77 -21.63 -33.23
N TYR A 93 -17.47 -20.50 -33.86
CA TYR A 93 -18.45 -19.42 -34.05
C TYR A 93 -18.63 -19.13 -35.54
N MET A 94 -19.60 -19.80 -36.14
CA MET A 94 -20.03 -19.56 -37.51
C MET A 94 -21.42 -20.15 -37.65
N ILE A 95 -22.39 -19.29 -37.95
CA ILE A 95 -23.80 -19.68 -37.98
C ILE A 95 -24.14 -20.55 -39.19
N GLU A 96 -24.66 -21.75 -38.91
CA GLU A 96 -25.03 -22.72 -39.93
C GLU A 96 -26.17 -22.23 -40.82
N ARG A 97 -27.16 -21.56 -40.20
CA ARG A 97 -28.38 -21.10 -40.88
C ARG A 97 -28.11 -20.45 -42.25
N PRO A 98 -28.74 -20.97 -43.32
CA PRO A 98 -28.50 -20.51 -44.69
C PRO A 98 -29.03 -19.11 -45.02
N GLU A 99 -29.96 -18.59 -44.21
CA GLU A 99 -30.64 -17.32 -44.48
C GLU A 99 -29.68 -16.14 -44.73
N PRO A 100 -30.11 -15.15 -45.54
CA PRO A 100 -29.25 -14.00 -45.88
C PRO A 100 -28.95 -13.10 -44.69
N GLU A 101 -29.92 -12.95 -43.79
CA GLU A 101 -29.78 -12.11 -42.60
C GLU A 101 -28.78 -12.69 -41.60
N PHE A 102 -28.71 -14.02 -41.53
CA PHE A 102 -27.74 -14.71 -40.69
C PHE A 102 -26.33 -14.64 -41.27
N GLN A 103 -26.24 -14.84 -42.58
CA GLN A 103 -24.95 -14.78 -43.28
C GLN A 103 -24.40 -13.36 -43.32
N ASP A 104 -25.28 -12.37 -43.44
CA ASP A 104 -24.90 -10.96 -43.37
C ASP A 104 -24.25 -10.67 -42.02
N LEU A 105 -24.82 -11.25 -40.95
CA LEU A 105 -24.26 -11.13 -39.61
C LEU A 105 -22.84 -11.72 -39.52
N ASN A 106 -22.62 -12.87 -40.13
CA ASN A 106 -21.30 -13.52 -40.15
C ASN A 106 -20.23 -12.63 -40.77
N GLU A 107 -20.53 -12.10 -41.95
CA GLU A 107 -19.59 -11.27 -42.69
C GLU A 107 -19.29 -9.96 -41.99
N LYS A 108 -20.31 -9.36 -41.38
CA LYS A 108 -20.16 -8.09 -40.69
C LYS A 108 -19.38 -8.26 -39.40
N ALA A 109 -19.53 -9.43 -38.77
CA ALA A 109 -18.72 -9.78 -37.61
C ALA A 109 -17.27 -9.91 -38.03
N ARG A 110 -17.03 -10.65 -39.11
CA ARG A 110 -15.70 -10.81 -39.67
C ARG A 110 -15.07 -9.46 -40.05
N ALA A 111 -15.84 -8.59 -40.69
CA ALA A 111 -15.36 -7.27 -41.08
C ALA A 111 -14.87 -6.46 -39.87
N LEU A 112 -15.67 -6.43 -38.80
CA LEU A 112 -15.30 -5.73 -37.58
C LEU A 112 -14.08 -6.36 -36.88
N LYS A 113 -14.06 -7.70 -36.83
CA LYS A 113 -12.91 -8.42 -36.29
C LYS A 113 -11.65 -8.12 -37.11
N GLN A 114 -11.77 -8.14 -38.44
CA GLN A 114 -10.62 -7.83 -39.29
C GLN A 114 -10.07 -6.43 -38.99
N ILE A 115 -10.94 -5.41 -39.04
CA ILE A 115 -10.54 -4.03 -38.80
C ILE A 115 -9.92 -3.81 -37.41
N LEU A 116 -10.52 -4.39 -36.38
CA LEU A 116 -9.98 -4.30 -35.01
C LEU A 116 -8.61 -4.97 -34.89
N SER A 117 -8.42 -6.07 -35.61
CA SER A 117 -7.18 -6.84 -35.56
C SER A 117 -5.99 -6.13 -36.21
N LYS A 118 -6.27 -5.12 -37.03
CA LYS A 118 -5.23 -4.42 -37.76
C LYS A 118 -4.76 -3.13 -37.07
N ILE A 119 -5.38 -2.80 -35.94
CA ILE A 119 -5.05 -1.59 -35.18
C ILE A 119 -3.54 -1.42 -34.88
N PRO A 120 -2.84 -2.51 -34.51
CA PRO A 120 -1.41 -2.39 -34.21
C PRO A 120 -0.59 -1.77 -35.33
N ASP A 121 -1.12 -1.79 -36.55
CA ASP A 121 -0.37 -1.34 -37.72
C ASP A 121 -0.91 -0.04 -38.35
N GLU A 122 -1.87 0.60 -37.70
CA GLU A 122 -2.36 1.92 -38.12
C GLU A 122 -2.04 2.98 -37.07
N ILE A 123 -2.02 2.57 -35.80
CA ILE A 123 -2.00 3.48 -34.66
C ILE A 123 -0.81 4.45 -34.63
N ASN A 124 0.35 4.01 -35.12
CA ASN A 124 1.54 4.86 -35.13
C ASN A 124 1.49 5.99 -36.16
N ASP A 125 0.51 5.93 -37.07
CA ASP A 125 0.29 7.01 -38.04
C ASP A 125 -1.04 7.70 -37.75
N ARG A 126 -0.95 8.96 -37.30
CA ARG A 126 -2.10 9.73 -36.84
C ARG A 126 -3.23 9.79 -37.87
N VAL A 127 -2.88 10.09 -39.12
CA VAL A 127 -3.87 10.26 -40.19
C VAL A 127 -4.61 8.95 -40.49
N ARG A 128 -3.85 7.89 -40.78
CA ARG A 128 -4.42 6.61 -41.18
C ARG A 128 -5.19 5.93 -40.05
N PHE A 129 -4.72 6.12 -38.81
CA PHE A 129 -5.43 5.69 -37.62
C PHE A 129 -6.80 6.39 -37.49
N LEU A 130 -6.85 7.68 -37.84
CA LEU A 130 -8.10 8.44 -37.84
C LEU A 130 -9.13 7.85 -38.82
N GLN A 131 -8.66 7.43 -39.99
CA GLN A 131 -9.50 6.76 -40.97
C GLN A 131 -10.01 5.42 -40.41
N THR A 132 -9.14 4.67 -39.72
CA THR A 132 -9.49 3.38 -39.13
C THR A 132 -10.56 3.50 -38.06
N ILE A 133 -10.49 4.57 -37.27
CA ILE A 133 -11.51 4.87 -36.26
C ILE A 133 -12.88 5.06 -36.91
N LYS A 134 -12.95 5.89 -37.96
CA LYS A 134 -14.16 6.02 -38.76
C LYS A 134 -14.63 4.69 -39.30
N ASP A 135 -13.67 3.85 -39.72
CA ASP A 135 -13.97 2.54 -40.29
C ASP A 135 -14.51 1.55 -39.24
N ILE A 136 -13.87 1.51 -38.07
CA ILE A 136 -14.38 0.75 -36.93
C ILE A 136 -15.80 1.20 -36.56
N ALA A 137 -16.00 2.51 -36.43
CA ALA A 137 -17.32 3.08 -36.14
C ALA A 137 -18.37 2.62 -37.16
N SER A 138 -18.01 2.72 -38.44
CA SER A 138 -18.84 2.23 -39.53
C SER A 138 -19.11 0.72 -39.43
N ALA A 139 -18.09 -0.04 -39.03
CA ALA A 139 -18.20 -1.49 -38.94
C ALA A 139 -19.05 -1.93 -37.74
N ILE A 140 -18.86 -1.28 -36.59
CA ILE A 140 -19.69 -1.50 -35.40
C ILE A 140 -21.15 -1.22 -35.72
N LYS A 141 -21.41 -0.02 -36.25
CA LYS A 141 -22.76 0.40 -36.64
C LYS A 141 -23.44 -0.63 -37.55
N GLU A 142 -22.72 -1.07 -38.58
CA GLU A 142 -23.27 -2.03 -39.54
C GLU A 142 -23.43 -3.44 -38.96
N LEU A 143 -22.68 -3.76 -37.91
CA LEU A 143 -22.85 -5.03 -37.22
C LEU A 143 -24.15 -5.01 -36.41
N LEU A 144 -24.39 -3.90 -35.71
CA LEU A 144 -25.65 -3.70 -34.99
C LEU A 144 -26.88 -3.70 -35.90
N ASP A 145 -26.73 -3.18 -37.12
CA ASP A 145 -27.83 -3.25 -38.09
C ASP A 145 -28.20 -4.70 -38.38
N THR A 146 -27.19 -5.52 -38.67
CA THR A 146 -27.37 -6.95 -38.91
C THR A 146 -27.87 -7.67 -37.66
N VAL A 147 -27.43 -7.24 -36.49
CA VAL A 147 -27.94 -7.78 -35.24
C VAL A 147 -29.44 -7.52 -35.14
N ASN A 148 -29.82 -6.24 -35.19
CA ASN A 148 -31.22 -5.82 -35.14
C ASN A 148 -32.12 -6.54 -36.14
N ASN A 149 -31.67 -6.59 -37.40
CA ASN A 149 -32.44 -7.17 -38.49
C ASN A 149 -32.68 -8.68 -38.38
N VAL A 150 -31.85 -9.36 -37.59
CA VAL A 150 -32.02 -10.79 -37.38
C VAL A 150 -32.94 -11.10 -36.20
N PHE A 151 -33.16 -10.12 -35.33
CA PHE A 151 -34.04 -10.31 -34.17
C PHE A 151 -35.38 -10.93 -34.56
N LYS A 152 -35.92 -10.49 -35.71
CA LYS A 152 -37.22 -10.96 -36.20
C LYS A 152 -37.24 -12.45 -36.58
N LYS A 153 -36.07 -13.06 -36.72
CA LYS A 153 -35.98 -14.49 -37.06
C LYS A 153 -36.30 -15.41 -35.89
N TYR A 154 -36.06 -14.92 -34.68
CA TYR A 154 -36.31 -15.68 -33.46
C TYR A 154 -37.70 -15.39 -32.93
N GLN A 155 -38.35 -16.43 -32.39
CA GLN A 155 -39.60 -16.24 -31.66
C GLN A 155 -39.44 -15.11 -30.65
N TYR A 156 -40.35 -14.12 -30.74
CA TYR A 156 -40.20 -12.87 -29.98
C TYR A 156 -40.29 -13.06 -28.47
N GLN A 157 -40.87 -14.19 -28.03
CA GLN A 157 -40.90 -14.55 -26.61
C GLN A 157 -39.63 -15.28 -26.13
N ASN A 158 -38.62 -15.35 -27.01
CA ASN A 158 -37.38 -16.05 -26.69
C ASN A 158 -36.15 -15.29 -27.22
N ARG A 159 -36.11 -14.00 -26.91
CA ARG A 159 -34.99 -13.13 -27.30
C ARG A 159 -34.18 -12.65 -26.09
N ARG A 160 -34.34 -13.37 -24.98
CA ARG A 160 -33.72 -13.04 -23.70
C ARG A 160 -32.20 -12.96 -23.81
N ALA A 161 -31.58 -14.04 -24.30
CA ALA A 161 -30.13 -14.12 -24.42
C ALA A 161 -29.61 -13.18 -25.51
N LEU A 162 -30.33 -13.13 -26.63
CA LEU A 162 -29.96 -12.27 -27.77
C LEU A 162 -29.80 -10.81 -27.34
N GLU A 163 -30.87 -10.26 -26.73
CA GLU A 163 -30.90 -8.88 -26.26
C GLU A 163 -29.82 -8.56 -25.20
N HIS A 164 -29.58 -9.50 -24.28
CA HIS A 164 -28.54 -9.30 -23.27
C HIS A 164 -27.16 -9.24 -23.90
N GLN A 165 -26.91 -10.11 -24.88
CA GLN A 165 -25.62 -10.13 -25.55
C GLN A 165 -25.43 -8.88 -26.42
N LYS A 166 -26.54 -8.34 -26.94
CA LYS A 166 -26.49 -7.09 -27.69
C LYS A 166 -26.08 -5.96 -26.75
N LYS A 167 -26.63 -5.97 -25.54
CA LYS A 167 -26.26 -5.01 -24.50
C LYS A 167 -24.79 -5.12 -24.13
N GLU A 168 -24.35 -6.32 -23.76
CA GLU A 168 -22.93 -6.57 -23.47
C GLU A 168 -22.02 -6.04 -24.57
N PHE A 169 -22.34 -6.36 -25.83
CA PHE A 169 -21.57 -5.84 -26.95
C PHE A 169 -21.58 -4.32 -27.00
N VAL A 170 -22.74 -3.70 -26.73
CA VAL A 170 -22.86 -2.24 -26.71
C VAL A 170 -21.98 -1.64 -25.60
N LYS A 171 -22.01 -2.24 -24.41
CA LYS A 171 -21.13 -1.82 -23.31
C LYS A 171 -19.68 -1.73 -23.77
N TYR A 172 -19.15 -2.84 -24.30
CA TYR A 172 -17.74 -2.93 -24.67
C TYR A 172 -17.37 -2.00 -25.84
N SER A 173 -18.31 -1.74 -26.74
CA SER A 173 -18.13 -0.73 -27.78
C SER A 173 -17.96 0.66 -27.17
N LYS A 174 -18.83 1.00 -26.21
CA LYS A 174 -18.73 2.24 -25.47
C LYS A 174 -17.40 2.29 -24.73
N SER A 175 -17.04 1.17 -24.12
CA SER A 175 -15.81 1.05 -23.35
C SER A 175 -14.57 1.18 -24.23
N PHE A 176 -14.70 0.82 -25.50
CA PHE A 176 -13.63 1.00 -26.48
C PHE A 176 -13.47 2.47 -26.86
N SER A 177 -14.60 3.16 -26.99
CA SER A 177 -14.61 4.60 -27.25
C SER A 177 -13.93 5.37 -26.12
N ASP A 178 -14.28 5.03 -24.89
CA ASP A 178 -13.67 5.64 -23.70
C ASP A 178 -12.16 5.44 -23.69
N THR A 179 -11.72 4.23 -24.04
CA THR A 179 -10.29 3.90 -24.13
C THR A 179 -9.60 4.72 -25.23
N LEU A 180 -10.24 4.79 -26.41
CA LEU A 180 -9.74 5.63 -27.51
C LEU A 180 -9.64 7.11 -27.11
N LYS A 181 -10.62 7.58 -26.35
CA LYS A 181 -10.66 8.97 -25.92
C LYS A 181 -9.60 9.27 -24.86
N THR A 182 -9.22 8.27 -24.08
CA THR A 182 -8.15 8.42 -23.10
C THR A 182 -6.77 8.17 -23.69
N TYR A 183 -6.74 7.48 -24.84
CA TYR A 183 -5.49 7.24 -25.56
C TYR A 183 -4.88 8.54 -26.11
N PHE A 184 -5.75 9.46 -26.55
CA PHE A 184 -5.28 10.76 -27.05
C PHE A 184 -4.76 11.66 -25.95
N LYS A 185 -5.09 11.34 -24.70
CA LYS A 185 -4.56 12.05 -23.52
C LYS A 185 -3.26 11.39 -23.04
N ASP A 186 -3.16 10.08 -23.24
CA ASP A 186 -2.03 9.29 -22.74
C ASP A 186 -0.96 9.04 -23.80
N GLY A 187 -1.32 8.27 -24.83
CA GLY A 187 -0.34 7.73 -25.76
C GLY A 187 0.02 6.30 -25.38
N LYS A 188 -0.65 5.80 -24.33
CA LYS A 188 -0.54 4.40 -23.94
C LYS A 188 -1.35 3.56 -24.91
N ALA A 189 -0.67 2.98 -25.89
CA ALA A 189 -1.33 2.20 -26.94
C ALA A 189 -1.88 0.86 -26.46
N ILE A 190 -1.21 0.20 -25.51
CA ILE A 190 -1.65 -1.10 -25.00
C ILE A 190 -3.13 -1.17 -24.62
N ASN A 191 -3.63 -0.10 -24.03
CA ASN A 191 -5.03 -0.01 -23.63
C ASN A 191 -5.95 -0.16 -24.83
N VAL A 192 -5.57 0.46 -25.94
CA VAL A 192 -6.32 0.32 -27.18
C VAL A 192 -6.35 -1.16 -27.59
N PHE A 193 -5.18 -1.79 -27.68
CA PHE A 193 -5.07 -3.18 -28.10
C PHE A 193 -5.88 -4.13 -27.20
N VAL A 194 -5.75 -3.92 -25.90
CA VAL A 194 -6.48 -4.70 -24.92
C VAL A 194 -8.01 -4.56 -25.07
N SER A 195 -8.48 -3.32 -25.17
CA SER A 195 -9.89 -3.06 -25.37
C SER A 195 -10.43 -3.62 -26.70
N ALA A 196 -9.65 -3.45 -27.76
CA ALA A 196 -10.02 -3.97 -29.08
C ALA A 196 -10.12 -5.49 -29.09
N ASN A 197 -9.26 -6.15 -28.33
CA ASN A 197 -9.25 -7.61 -28.29
C ASN A 197 -10.47 -8.09 -27.55
N ARG A 198 -10.79 -7.38 -26.46
CA ARG A 198 -11.98 -7.62 -25.67
C ARG A 198 -13.23 -7.46 -26.53
N LEU A 199 -13.26 -6.40 -27.34
CA LEU A 199 -14.39 -6.18 -28.23
C LEU A 199 -14.54 -7.35 -29.19
N ILE A 200 -13.44 -7.77 -29.81
CA ILE A 200 -13.40 -8.94 -30.68
C ILE A 200 -13.99 -10.18 -30.00
N HIS A 201 -13.58 -10.44 -28.77
CA HIS A 201 -14.17 -11.54 -27.99
C HIS A 201 -15.69 -11.36 -27.84
N GLN A 202 -16.13 -10.14 -27.55
CA GLN A 202 -17.58 -9.86 -27.44
C GLN A 202 -18.29 -10.10 -28.77
N THR A 203 -17.64 -9.74 -29.87
CA THR A 203 -18.15 -10.02 -31.22
C THR A 203 -18.34 -11.53 -31.43
N ASN A 204 -17.41 -12.33 -30.89
CA ASN A 204 -17.52 -13.78 -30.92
C ASN A 204 -18.69 -14.30 -30.07
N LEU A 205 -18.85 -13.73 -28.87
CA LEU A 205 -19.98 -14.08 -28.02
C LEU A 205 -21.33 -13.75 -28.67
N ILE A 206 -21.38 -12.67 -29.46
CA ILE A 206 -22.56 -12.37 -30.27
C ILE A 206 -22.85 -13.53 -31.22
N LEU A 207 -21.81 -14.03 -31.89
CA LEU A 207 -21.96 -15.17 -32.79
C LEU A 207 -22.34 -16.46 -32.07
N GLN A 208 -21.69 -16.71 -30.93
CA GLN A 208 -21.99 -17.89 -30.11
C GLN A 208 -23.43 -17.86 -29.56
N THR A 209 -23.85 -16.70 -29.06
CA THR A 209 -25.22 -16.54 -28.53
C THR A 209 -26.26 -16.71 -29.63
N PHE A 210 -26.07 -16.01 -30.74
CA PHE A 210 -27.00 -16.08 -31.86
C PHE A 210 -27.10 -17.46 -32.52
N LYS A 211 -26.06 -18.28 -32.38
CA LYS A 211 -26.07 -19.63 -32.92
C LYS A 211 -26.86 -20.59 -32.04
N THR A 212 -26.62 -20.52 -30.73
CA THR A 212 -27.21 -21.46 -29.77
C THR A 212 -28.73 -21.38 -29.66
N VAL A 213 -29.27 -20.17 -29.77
CA VAL A 213 -30.72 -19.94 -29.64
C VAL A 213 -31.46 -20.23 -30.96
N ALA A 214 -30.79 -19.99 -32.08
CA ALA A 214 -31.36 -20.20 -33.42
C ALA A 214 -31.98 -21.60 -33.60
N ASN B 12 6.69 -32.11 -29.56
CA ASN B 12 7.67 -31.36 -28.71
C ASN B 12 6.99 -30.37 -27.76
N GLU B 13 7.79 -29.69 -26.94
CA GLU B 13 7.29 -28.75 -25.93
C GLU B 13 6.60 -27.52 -26.52
N ALA B 14 7.15 -26.98 -27.60
CA ALA B 14 6.68 -25.70 -28.16
C ALA B 14 5.33 -25.79 -28.88
N GLU B 15 5.03 -26.95 -29.45
CA GLU B 15 3.75 -27.17 -30.12
C GLU B 15 2.64 -27.47 -29.11
N THR B 16 3.06 -27.93 -27.93
CA THR B 16 2.14 -28.27 -26.85
C THR B 16 1.74 -27.02 -26.08
N THR B 17 2.61 -26.02 -26.04
CA THR B 17 2.31 -24.81 -25.29
C THR B 17 1.56 -23.79 -26.15
N SER B 18 0.48 -23.29 -25.60
CA SER B 18 -0.40 -22.33 -26.23
C SER B 18 0.26 -20.96 -26.34
N MET B 19 0.02 -20.27 -27.47
CA MET B 19 0.55 -18.95 -27.73
C MET B 19 0.33 -17.97 -26.57
N VAL B 20 -0.87 -18.00 -25.96
CA VAL B 20 -1.18 -17.08 -24.87
C VAL B 20 -0.24 -17.21 -23.67
N SER B 21 0.47 -18.33 -23.57
CA SER B 21 1.42 -18.57 -22.47
C SER B 21 2.79 -17.90 -22.63
N MET B 22 3.13 -17.46 -23.84
CA MET B 22 4.44 -16.86 -24.13
C MET B 22 5.02 -15.83 -23.13
N PRO B 23 4.17 -14.98 -22.51
CA PRO B 23 4.73 -14.06 -21.50
C PRO B 23 5.42 -14.75 -20.32
N LEU B 24 5.02 -15.98 -20.01
CA LEU B 24 5.68 -16.78 -18.98
C LEU B 24 7.18 -16.93 -19.29
N TYR B 25 7.49 -17.20 -20.56
CA TYR B 25 8.88 -17.44 -20.97
C TYR B 25 9.62 -16.21 -21.43
N ALA B 26 8.89 -15.20 -21.89
CA ALA B 26 9.49 -13.99 -22.45
C ALA B 26 9.67 -12.93 -21.37
N VAL B 27 8.82 -12.95 -20.35
CA VAL B 27 8.85 -11.97 -19.27
C VAL B 27 9.22 -12.57 -17.92
N MET B 28 8.48 -13.58 -17.48
CA MET B 28 8.64 -14.11 -16.11
C MET B 28 9.90 -14.95 -15.93
N TYR B 29 10.18 -15.84 -16.88
CA TYR B 29 11.43 -16.59 -16.84
C TYR B 29 12.69 -15.73 -16.69
N PRO B 30 12.83 -14.65 -17.49
CA PRO B 30 14.01 -13.81 -17.31
C PRO B 30 14.09 -13.19 -15.92
N VAL B 31 12.94 -12.78 -15.38
CA VAL B 31 12.84 -12.23 -14.05
C VAL B 31 13.37 -13.24 -13.03
N PHE B 32 12.85 -14.47 -13.05
CA PHE B 32 13.33 -15.51 -12.15
C PHE B 32 14.81 -15.90 -12.36
N ASN B 33 15.31 -15.79 -13.60
CA ASN B 33 16.73 -16.09 -13.87
C ASN B 33 17.69 -15.07 -13.25
N GLU B 34 17.26 -13.81 -13.16
CA GLU B 34 18.05 -12.78 -12.47
C GLU B 34 17.95 -12.90 -10.95
N LEU B 35 16.77 -13.30 -10.46
CA LEU B 35 16.54 -13.53 -9.04
C LEU B 35 17.37 -14.69 -8.48
N GLU B 36 17.61 -15.71 -9.31
CA GLU B 36 18.32 -16.92 -8.88
C GLU B 36 19.75 -16.69 -8.42
N ARG B 37 20.41 -15.71 -9.03
CA ARG B 37 21.77 -15.34 -8.67
C ARG B 37 21.84 -14.86 -7.23
N VAL B 38 20.74 -14.28 -6.76
CA VAL B 38 20.69 -13.65 -5.44
C VAL B 38 19.95 -14.52 -4.43
N ASN B 39 18.82 -15.10 -4.85
CA ASN B 39 18.04 -15.99 -3.98
C ASN B 39 17.44 -17.14 -4.79
N LEU B 40 18.10 -18.30 -4.70
CA LEU B 40 17.70 -19.49 -5.44
C LEU B 40 16.36 -20.05 -4.96
N SER B 41 16.13 -19.96 -3.65
CA SER B 41 14.91 -20.47 -3.03
C SER B 41 13.68 -19.74 -3.55
N ALA B 42 13.70 -18.41 -3.47
CA ALA B 42 12.56 -17.59 -3.89
C ALA B 42 12.21 -17.83 -5.35
N ALA B 43 13.22 -17.83 -6.22
CA ALA B 43 13.00 -17.96 -7.65
C ALA B 43 12.43 -19.34 -7.99
N GLN B 44 13.03 -20.39 -7.45
CA GLN B 44 12.54 -21.75 -7.67
C GLN B 44 11.06 -21.86 -7.34
N THR B 45 10.71 -21.41 -6.13
CA THR B 45 9.34 -21.47 -5.63
C THR B 45 8.38 -20.65 -6.48
N LEU B 46 8.71 -19.38 -6.75
CA LEU B 46 7.86 -18.49 -7.53
C LEU B 46 7.69 -18.93 -8.98
N ARG B 47 8.77 -19.40 -9.58
CA ARG B 47 8.73 -19.95 -10.94
C ARG B 47 7.79 -21.14 -11.01
N ALA B 48 7.91 -22.04 -10.04
CA ALA B 48 7.12 -23.26 -9.96
C ALA B 48 5.62 -22.98 -9.81
N ALA B 49 5.28 -21.99 -9.00
CA ALA B 49 3.90 -21.58 -8.85
C ALA B 49 3.33 -21.01 -10.16
N PHE B 50 4.08 -20.10 -10.79
CA PHE B 50 3.70 -19.58 -12.12
C PHE B 50 3.57 -20.68 -13.17
N ILE B 51 4.50 -21.63 -13.18
CA ILE B 51 4.42 -22.76 -14.10
C ILE B 51 3.10 -23.50 -13.93
N LYS B 52 2.82 -23.94 -12.69
CA LYS B 52 1.61 -24.72 -12.42
C LYS B 52 0.33 -23.91 -12.69
N ALA B 53 0.38 -22.62 -12.41
CA ALA B 53 -0.76 -21.76 -12.63
C ALA B 53 -1.06 -21.59 -14.12
N GLU B 54 -0.01 -21.24 -14.89
CA GLU B 54 -0.11 -21.10 -16.34
C GLU B 54 -0.59 -22.38 -17.03
N LYS B 55 0.04 -23.50 -16.68
CA LYS B 55 -0.28 -24.81 -17.25
C LYS B 55 -1.74 -25.19 -17.01
N GLU B 56 -2.30 -24.74 -15.88
CA GLU B 56 -3.68 -25.05 -15.53
C GLU B 56 -4.67 -24.00 -16.03
N ASN B 57 -4.19 -22.78 -16.21
CA ASN B 57 -5.03 -21.70 -16.74
C ASN B 57 -4.26 -20.85 -17.77
N PRO B 58 -4.10 -21.38 -19.00
CA PRO B 58 -3.30 -20.68 -20.01
C PRO B 58 -3.84 -19.28 -20.29
N GLY B 59 -2.94 -18.28 -20.27
CA GLY B 59 -3.32 -16.90 -20.50
C GLY B 59 -3.32 -16.06 -19.24
N LEU B 60 -3.09 -16.72 -18.11
CA LEU B 60 -3.12 -16.09 -16.79
C LEU B 60 -1.94 -15.15 -16.55
N THR B 61 -0.73 -15.57 -16.94
CA THR B 61 0.46 -14.75 -16.81
C THR B 61 0.29 -13.44 -17.58
N GLN B 62 -0.28 -13.54 -18.79
CA GLN B 62 -0.54 -12.37 -19.62
C GLN B 62 -1.49 -11.42 -18.90
N ASP B 63 -2.50 -11.99 -18.25
CA ASP B 63 -3.48 -11.21 -17.49
C ASP B 63 -2.90 -10.57 -16.24
N ILE B 64 -2.02 -11.28 -15.55
CA ILE B 64 -1.30 -10.72 -14.41
C ILE B 64 -0.46 -9.52 -14.84
N ILE B 65 0.36 -9.71 -15.87
CA ILE B 65 1.23 -8.67 -16.40
C ILE B 65 0.45 -7.44 -16.90
N MET B 66 -0.66 -7.65 -17.59
CA MET B 66 -1.48 -6.52 -18.05
C MET B 66 -2.00 -5.75 -16.86
N LYS B 67 -2.49 -6.46 -15.85
CA LYS B 67 -2.99 -5.83 -14.63
C LYS B 67 -1.89 -5.03 -13.92
N ILE B 68 -0.66 -5.53 -13.92
CA ILE B 68 0.49 -4.79 -13.39
C ILE B 68 0.75 -3.52 -14.22
N LEU B 69 0.81 -3.66 -15.54
CA LEU B 69 0.97 -2.50 -16.42
C LEU B 69 -0.14 -1.45 -16.25
N GLU B 70 -1.37 -1.90 -16.03
CA GLU B 70 -2.51 -1.00 -15.78
C GLU B 70 -2.36 -0.17 -14.50
N LYS B 71 -1.54 -0.64 -13.56
CA LYS B 71 -1.40 0.05 -12.27
C LYS B 71 -0.04 0.75 -12.14
N LYS B 72 0.51 1.09 -13.30
CA LYS B 72 1.82 1.75 -13.40
C LYS B 72 1.89 3.04 -12.60
N SER B 73 0.79 3.79 -12.53
CA SER B 73 0.76 5.07 -11.79
C SER B 73 1.00 4.92 -10.28
N VAL B 74 0.49 3.83 -9.68
CA VAL B 74 0.82 3.50 -8.30
C VAL B 74 2.33 3.43 -8.17
N GLU B 75 2.98 2.92 -9.21
CA GLU B 75 4.40 2.63 -9.16
C GLU B 75 5.23 3.88 -9.45
N VAL B 76 4.71 4.76 -10.31
CA VAL B 76 5.33 6.07 -10.51
C VAL B 76 5.27 6.89 -9.22
N ASN B 77 4.13 6.86 -8.53
CA ASN B 77 3.94 7.56 -7.26
C ASN B 77 4.87 7.04 -6.17
N PHE B 78 4.98 5.72 -6.09
CA PHE B 78 5.80 5.08 -5.07
C PHE B 78 7.28 5.40 -5.22
N THR B 79 7.84 5.16 -6.40
CA THR B 79 9.25 5.46 -6.63
C THR B 79 9.56 6.96 -6.49
N GLU B 80 8.68 7.82 -6.99
CA GLU B 80 8.87 9.27 -6.82
C GLU B 80 8.93 9.63 -5.34
N SER B 81 7.99 9.07 -4.58
CA SER B 81 7.86 9.30 -3.15
C SER B 81 9.08 8.81 -2.36
N LEU B 82 9.60 7.64 -2.69
CA LEU B 82 10.85 7.19 -2.10
C LEU B 82 11.99 8.18 -2.34
N LEU B 83 12.00 8.81 -3.51
CA LEU B 83 13.04 9.79 -3.84
C LEU B 83 12.90 11.07 -3.03
N ARG B 84 11.67 11.60 -2.90
CA ARG B 84 11.47 12.84 -2.13
C ARG B 84 11.79 12.62 -0.67
N MET B 85 11.36 11.50 -0.13
CA MET B 85 11.56 11.16 1.27
C MET B 85 13.03 10.93 1.62
N ALA B 86 13.87 10.80 0.61
CA ALA B 86 15.30 10.57 0.82
C ALA B 86 16.01 11.78 1.41
N ALA B 87 15.39 12.96 1.28
CA ALA B 87 15.91 14.21 1.84
C ALA B 87 15.99 14.19 3.37
N ASP B 88 15.14 13.38 3.99
CA ASP B 88 15.16 13.13 5.43
C ASP B 88 16.42 12.37 5.86
N ASP B 89 17.07 11.71 4.90
CA ASP B 89 18.14 10.76 5.18
C ASP B 89 19.51 11.15 4.60
N VAL B 90 19.69 12.43 4.28
CA VAL B 90 20.93 12.88 3.63
C VAL B 90 22.18 12.73 4.50
N GLU B 91 22.00 12.87 5.82
CA GLU B 91 23.12 12.74 6.76
C GLU B 91 23.17 11.36 7.40
N GLU B 92 22.52 10.40 6.75
CA GLU B 92 22.54 9.01 7.18
C GLU B 92 23.87 8.40 6.75
N TYR B 93 24.55 7.78 7.71
CA TYR B 93 25.86 7.11 7.52
C TYR B 93 27.06 8.07 7.39
N MET B 94 27.06 9.14 8.19
CA MET B 94 28.19 10.08 8.21
C MET B 94 29.35 9.46 9.00
N ILE B 95 30.39 9.02 8.28
CA ILE B 95 31.52 8.33 8.89
C ILE B 95 32.09 9.15 10.05
N GLU B 96 32.01 8.60 11.25
CA GLU B 96 32.43 9.30 12.46
C GLU B 96 33.95 9.21 12.67
N ARG B 97 34.69 9.71 11.69
CA ARG B 97 36.15 9.81 11.74
C ARG B 97 36.55 11.29 11.85
N PRO B 98 37.70 11.57 12.48
CA PRO B 98 38.11 12.97 12.64
C PRO B 98 38.71 13.58 11.37
N GLU B 99 39.32 12.73 10.53
CA GLU B 99 40.15 13.18 9.40
C GLU B 99 39.43 14.12 8.42
N PRO B 100 40.15 15.15 7.92
CA PRO B 100 39.61 16.17 6.99
C PRO B 100 39.07 15.60 5.68
N GLU B 101 39.65 14.50 5.21
CA GLU B 101 39.21 13.84 3.99
C GLU B 101 37.91 13.10 4.24
N PHE B 102 37.76 12.56 5.45
CA PHE B 102 36.54 11.91 5.90
C PHE B 102 35.41 12.91 6.14
N GLN B 103 35.78 14.12 6.55
CA GLN B 103 34.83 15.23 6.66
C GLN B 103 34.33 15.58 5.27
N ASP B 104 35.25 15.63 4.32
CA ASP B 104 34.98 15.99 2.93
C ASP B 104 34.16 14.92 2.21
N LEU B 105 34.43 13.65 2.52
CA LEU B 105 33.70 12.53 1.91
C LEU B 105 32.23 12.52 2.33
N ASN B 106 31.99 12.76 3.62
CA ASN B 106 30.64 12.88 4.18
C ASN B 106 29.84 14.00 3.51
N GLU B 107 30.46 15.17 3.42
CA GLU B 107 29.86 16.37 2.87
C GLU B 107 29.45 16.21 1.41
N LYS B 108 30.29 15.56 0.62
CA LYS B 108 30.00 15.34 -0.79
C LYS B 108 28.97 14.23 -0.97
N ALA B 109 28.95 13.29 -0.04
CA ALA B 109 27.96 12.21 -0.02
C ALA B 109 26.58 12.75 0.30
N ARG B 110 26.48 13.56 1.36
CA ARG B 110 25.20 14.16 1.74
C ARG B 110 24.67 15.11 0.66
N ALA B 111 25.57 15.92 0.10
CA ALA B 111 25.21 16.88 -0.94
C ALA B 111 24.59 16.22 -2.17
N LEU B 112 25.17 15.13 -2.64
CA LEU B 112 24.61 14.38 -3.78
C LEU B 112 23.22 13.81 -3.47
N LYS B 113 23.07 13.25 -2.27
CA LYS B 113 21.79 12.69 -1.83
C LYS B 113 20.70 13.74 -1.73
N GLN B 114 21.08 14.98 -1.41
CA GLN B 114 20.14 16.09 -1.33
C GLN B 114 19.71 16.52 -2.72
N ILE B 115 20.67 16.59 -3.65
CA ILE B 115 20.38 17.02 -5.02
C ILE B 115 19.55 15.99 -5.81
N LEU B 116 19.78 14.71 -5.51
CA LEU B 116 19.01 13.65 -6.15
C LEU B 116 17.57 13.62 -5.67
N SER B 117 17.37 13.95 -4.39
CA SER B 117 16.02 13.96 -3.80
C SER B 117 15.20 15.17 -4.24
N LYS B 118 15.86 16.15 -4.86
CA LYS B 118 15.19 17.32 -5.41
C LYS B 118 14.77 17.15 -6.87
N ILE B 119 15.17 16.04 -7.49
CA ILE B 119 14.82 15.73 -8.90
C ILE B 119 13.32 15.82 -9.24
N PRO B 120 12.44 15.22 -8.42
CA PRO B 120 11.00 15.29 -8.71
C PRO B 120 10.45 16.71 -8.82
N ASP B 121 11.13 17.68 -8.23
CA ASP B 121 10.71 19.07 -8.32
C ASP B 121 11.20 19.76 -9.60
N GLU B 122 12.45 19.47 -9.98
CA GLU B 122 13.09 20.17 -11.09
C GLU B 122 12.82 19.53 -12.46
N ILE B 123 12.11 18.40 -12.47
CA ILE B 123 12.03 17.55 -13.67
C ILE B 123 11.01 17.97 -14.74
N ASN B 124 9.79 18.31 -14.31
CA ASN B 124 8.69 18.61 -15.24
C ASN B 124 8.95 19.76 -16.20
N ASP B 125 9.55 20.81 -15.69
CA ASP B 125 10.10 21.87 -16.53
C ASP B 125 11.43 21.36 -17.09
N ARG B 126 11.38 20.81 -18.30
CA ARG B 126 12.56 20.22 -18.94
C ARG B 126 13.71 21.21 -19.16
N VAL B 127 13.39 22.50 -19.29
CA VAL B 127 14.40 23.56 -19.40
C VAL B 127 15.21 23.67 -18.09
N ARG B 128 14.51 23.78 -16.97
CA ARG B 128 15.13 23.90 -15.64
C ARG B 128 15.74 22.57 -15.15
N PHE B 129 15.36 21.47 -15.79
CA PHE B 129 15.96 20.17 -15.52
C PHE B 129 17.40 20.10 -16.01
N LEU B 130 17.64 20.68 -17.19
CA LEU B 130 18.98 20.80 -17.76
C LEU B 130 19.96 21.48 -16.82
N GLN B 131 19.47 22.51 -16.12
CA GLN B 131 20.28 23.27 -15.17
C GLN B 131 20.51 22.48 -13.88
N THR B 132 19.76 21.39 -13.72
CA THR B 132 19.90 20.48 -12.58
C THR B 132 20.84 19.32 -12.96
N ILE B 133 20.80 18.91 -14.22
CA ILE B 133 21.71 17.89 -14.76
C ILE B 133 23.17 18.30 -14.57
N LYS B 134 23.46 19.58 -14.77
CA LYS B 134 24.81 20.12 -14.59
C LYS B 134 25.31 19.87 -13.16
N ASP B 135 24.54 20.34 -12.19
CA ASP B 135 24.93 20.27 -10.78
C ASP B 135 25.13 18.84 -10.30
N ILE B 136 24.24 17.94 -10.70
CA ILE B 136 24.32 16.53 -10.33
C ILE B 136 25.59 15.88 -10.85
N ALA B 137 25.90 16.11 -12.13
CA ALA B 137 27.13 15.64 -12.75
C ALA B 137 28.35 16.04 -11.94
N SER B 138 28.43 17.33 -11.59
CA SER B 138 29.56 17.84 -10.81
C SER B 138 29.44 17.52 -9.32
N ALA B 139 28.28 17.01 -8.89
CA ALA B 139 28.11 16.48 -7.54
C ALA B 139 28.71 15.07 -7.45
N ILE B 140 28.42 14.27 -8.47
CA ILE B 140 29.00 12.94 -8.63
C ILE B 140 30.52 13.02 -8.74
N LYS B 141 30.99 13.89 -9.66
CA LYS B 141 32.40 14.07 -9.94
C LYS B 141 33.18 14.46 -8.67
N GLU B 142 32.57 15.32 -7.86
CA GLU B 142 33.20 15.81 -6.64
C GLU B 142 33.12 14.82 -5.48
N LEU B 143 32.14 13.93 -5.51
CA LEU B 143 32.11 12.81 -4.56
C LEU B 143 33.15 11.79 -4.99
N LEU B 144 33.14 11.44 -6.28
CA LEU B 144 34.12 10.55 -6.89
C LEU B 144 35.56 10.99 -6.61
N ASP B 145 35.81 12.30 -6.64
CA ASP B 145 37.13 12.86 -6.37
C ASP B 145 37.56 12.69 -4.92
N THR B 146 36.59 12.72 -4.01
CA THR B 146 36.85 12.56 -2.59
C THR B 146 36.91 11.09 -2.16
N VAL B 147 36.39 10.21 -3.02
CA VAL B 147 36.53 8.77 -2.81
C VAL B 147 38.00 8.36 -2.98
N ASN B 148 38.61 8.76 -4.09
CA ASN B 148 40.01 8.47 -4.39
C ASN B 148 40.97 9.18 -3.43
N ASN B 149 40.57 10.37 -2.98
CA ASN B 149 41.32 11.14 -1.98
C ASN B 149 41.41 10.40 -0.64
N VAL B 150 40.31 9.73 -0.26
CA VAL B 150 40.26 8.94 0.96
C VAL B 150 40.95 7.58 0.76
N PHE B 151 40.67 6.94 -0.37
CA PHE B 151 41.19 5.61 -0.71
C PHE B 151 42.72 5.51 -0.71
N LYS B 152 43.38 6.49 -1.33
CA LYS B 152 44.84 6.43 -1.54
C LYS B 152 45.65 6.65 -0.26
N LYS B 153 44.96 6.90 0.85
CA LYS B 153 45.60 7.05 2.16
C LYS B 153 45.08 6.00 3.13
N TYR B 154 44.06 5.26 2.70
CA TYR B 154 43.38 4.28 3.55
C TYR B 154 43.17 2.94 2.84
N GLN B 155 44.27 2.23 2.62
CA GLN B 155 44.23 0.89 2.04
C GLN B 155 45.40 0.01 2.54
N TYR B 156 45.43 -0.21 3.86
CA TYR B 156 46.31 -1.21 4.46
C TYR B 156 45.47 -2.40 4.91
N GLN B 157 44.16 -2.31 4.69
CA GLN B 157 43.20 -3.36 5.01
C GLN B 157 42.05 -3.31 4.00
N ASN B 158 41.55 -4.48 3.62
CA ASN B 158 40.37 -4.64 2.76
C ASN B 158 40.42 -3.97 1.37
N ARG B 159 40.68 -4.76 0.34
CA ARG B 159 40.65 -4.27 -1.05
C ARG B 159 39.52 -4.91 -1.85
N ARG B 160 39.35 -6.23 -1.68
CA ARG B 160 38.34 -7.02 -2.39
C ARG B 160 36.92 -6.48 -2.25
N ALA B 161 36.65 -5.84 -1.12
CA ALA B 161 35.33 -5.26 -0.85
C ALA B 161 35.30 -3.75 -1.06
N LEU B 162 36.46 -3.11 -0.92
CA LEU B 162 36.57 -1.65 -1.00
C LEU B 162 36.67 -1.11 -2.43
N GLU B 163 37.45 -1.78 -3.28
CA GLU B 163 37.58 -1.40 -4.68
C GLU B 163 36.31 -1.74 -5.45
N HIS B 164 35.64 -2.82 -5.01
CA HIS B 164 34.40 -3.30 -5.60
C HIS B 164 33.27 -2.26 -5.53
N GLN B 165 33.17 -1.57 -4.39
CA GLN B 165 32.10 -0.60 -4.17
C GLN B 165 32.25 0.67 -5.01
N LYS B 166 33.49 1.08 -5.23
CA LYS B 166 33.79 2.21 -6.11
C LYS B 166 33.36 1.89 -7.53
N LYS B 167 33.67 0.66 -7.98
CA LYS B 167 33.26 0.15 -9.28
C LYS B 167 31.74 0.20 -9.46
N GLU B 168 31.01 -0.25 -8.44
CA GLU B 168 29.55 -0.26 -8.48
C GLU B 168 28.98 1.15 -8.62
N PHE B 169 29.57 2.10 -7.90
CA PHE B 169 29.16 3.50 -7.98
C PHE B 169 29.29 4.05 -9.40
N VAL B 170 30.45 3.81 -10.02
CA VAL B 170 30.73 4.29 -11.39
C VAL B 170 29.73 3.74 -12.41
N LYS B 171 29.43 2.45 -12.32
CA LYS B 171 28.43 1.83 -13.20
C LYS B 171 27.07 2.50 -13.03
N TYR B 172 26.61 2.60 -11.79
CA TYR B 172 25.28 3.14 -11.48
C TYR B 172 25.14 4.63 -11.75
N SER B 173 26.24 5.37 -11.60
CA SER B 173 26.26 6.81 -11.90
C SER B 173 26.15 7.10 -13.41
N LYS B 174 26.70 6.22 -14.22
CA LYS B 174 26.63 6.37 -15.67
C LYS B 174 25.38 5.72 -16.24
N SER B 175 24.91 4.67 -15.56
CA SER B 175 23.60 4.09 -15.81
C SER B 175 22.53 5.15 -15.55
N PHE B 176 22.74 5.96 -14.51
CA PHE B 176 21.89 7.10 -14.22
C PHE B 176 21.89 8.12 -15.35
N SER B 177 23.07 8.39 -15.92
CA SER B 177 23.21 9.31 -17.03
C SER B 177 22.49 8.81 -18.28
N ASP B 178 22.67 7.52 -18.57
CA ASP B 178 22.03 6.89 -19.72
C ASP B 178 20.50 6.93 -19.58
N THR B 179 20.04 6.86 -18.32
CA THR B 179 18.62 6.98 -18.00
C THR B 179 18.09 8.40 -18.31
N LEU B 180 18.93 9.40 -18.05
CA LEU B 180 18.58 10.79 -18.36
C LEU B 180 18.43 11.01 -19.87
N LYS B 181 19.33 10.42 -20.66
CA LYS B 181 19.27 10.53 -22.12
C LYS B 181 18.01 9.88 -22.66
N THR B 182 17.68 8.70 -22.13
CA THR B 182 16.45 8.01 -22.50
C THR B 182 15.23 8.88 -22.15
N TYR B 183 15.24 9.49 -20.97
CA TYR B 183 14.13 10.33 -20.50
C TYR B 183 13.67 11.39 -21.51
N PHE B 184 14.62 12.03 -22.20
CA PHE B 184 14.28 13.03 -23.22
C PHE B 184 13.72 12.40 -24.49
N LYS B 185 14.14 11.17 -24.78
CA LYS B 185 13.66 10.43 -25.96
C LYS B 185 12.41 9.61 -25.62
N ASP B 186 12.12 9.49 -24.32
CA ASP B 186 11.08 8.60 -23.81
C ASP B 186 9.96 9.36 -23.09
N GLY B 187 10.35 10.24 -22.16
CA GLY B 187 9.40 11.07 -21.40
C GLY B 187 9.04 10.53 -20.02
N LYS B 188 9.54 9.35 -19.68
CA LYS B 188 9.08 8.61 -18.50
C LYS B 188 9.94 8.81 -17.25
N ALA B 189 9.46 9.69 -16.38
CA ALA B 189 10.12 10.05 -15.13
C ALA B 189 10.49 8.87 -14.23
N ILE B 190 9.63 7.84 -14.20
CA ILE B 190 9.83 6.69 -13.31
C ILE B 190 11.24 6.09 -13.37
N ASN B 191 11.78 5.94 -14.58
CA ASN B 191 13.12 5.34 -14.74
C ASN B 191 14.24 6.19 -14.15
N VAL B 192 14.05 7.51 -14.21
CA VAL B 192 14.97 8.43 -13.55
C VAL B 192 14.89 8.25 -12.04
N PHE B 193 13.65 8.22 -11.52
CA PHE B 193 13.41 8.07 -10.09
C PHE B 193 14.04 6.79 -9.56
N VAL B 194 13.93 5.71 -10.35
CA VAL B 194 14.45 4.42 -9.94
C VAL B 194 15.96 4.43 -9.82
N SER B 195 16.63 4.99 -10.82
CA SER B 195 18.09 5.00 -10.84
C SER B 195 18.68 6.01 -9.86
N ALA B 196 18.04 7.17 -9.75
CA ALA B 196 18.37 8.15 -8.72
C ALA B 196 18.33 7.51 -7.33
N ASN B 197 17.27 6.76 -7.06
CA ASN B 197 17.17 5.95 -5.84
C ASN B 197 18.33 4.97 -5.67
N ARG B 198 18.71 4.29 -6.76
CA ARG B 198 19.82 3.33 -6.73
C ARG B 198 21.13 4.03 -6.37
N LEU B 199 21.39 5.17 -7.04
CA LEU B 199 22.57 5.95 -6.77
C LEU B 199 22.65 6.42 -5.31
N ILE B 200 21.51 6.79 -4.73
CA ILE B 200 21.46 7.13 -3.31
C ILE B 200 21.85 5.93 -2.45
N HIS B 201 21.26 4.77 -2.73
CA HIS B 201 21.62 3.55 -2.00
C HIS B 201 23.10 3.20 -2.15
N GLN B 202 23.64 3.39 -3.35
CA GLN B 202 25.04 3.05 -3.64
C GLN B 202 26.01 3.97 -2.91
N THR B 203 25.63 5.24 -2.80
CA THR B 203 26.35 6.22 -2.00
C THR B 203 26.35 5.79 -0.52
N ASN B 204 25.19 5.36 -0.03
CA ASN B 204 25.09 4.81 1.33
C ASN B 204 26.01 3.62 1.56
N LEU B 205 26.14 2.75 0.57
CA LEU B 205 27.02 1.58 0.67
C LEU B 205 28.49 1.98 0.80
N ILE B 206 28.89 3.02 0.06
CA ILE B 206 30.25 3.57 0.14
C ILE B 206 30.56 4.09 1.55
N LEU B 207 29.64 4.87 2.11
CA LEU B 207 29.77 5.39 3.47
C LEU B 207 29.83 4.27 4.51
N GLN B 208 29.01 3.23 4.31
CA GLN B 208 29.01 2.05 5.17
C GLN B 208 30.29 1.23 5.03
N THR B 209 30.82 1.17 3.81
CA THR B 209 32.02 0.38 3.51
C THR B 209 33.29 1.06 4.00
N PHE B 210 33.46 2.34 3.67
CA PHE B 210 34.62 3.12 4.10
C PHE B 210 34.64 3.38 5.62
N LYS B 211 33.77 2.68 6.34
CA LYS B 211 33.75 2.67 7.78
C LYS B 211 34.73 1.63 8.31
N THR B 212 34.75 0.46 7.64
CA THR B 212 35.64 -0.64 8.00
C THR B 212 37.05 -0.37 7.51
N GLY C 1 -10.58 -19.91 5.66
CA GLY C 1 -10.80 -19.88 4.20
C GLY C 1 -10.22 -18.62 3.60
N HIS C 2 -10.84 -18.14 2.53
CA HIS C 2 -10.37 -16.91 1.87
C HIS C 2 -11.53 -16.03 1.46
N MET C 3 -11.33 -14.72 1.63
CA MET C 3 -12.31 -13.71 1.24
C MET C 3 -12.57 -13.76 -0.25
N ARG C 4 -13.82 -13.52 -0.63
CA ARG C 4 -14.19 -13.44 -2.02
C ARG C 4 -14.55 -12.01 -2.35
N MET C 5 -14.37 -11.63 -3.60
CA MET C 5 -14.68 -10.29 -4.02
C MET C 5 -15.84 -10.33 -5.01
N THR C 6 -16.74 -9.37 -4.88
CA THR C 6 -17.80 -9.18 -5.85
C THR C 6 -17.23 -8.44 -7.07
N MET C 7 -17.98 -8.45 -8.16
CA MET C 7 -17.64 -7.68 -9.36
C MET C 7 -17.56 -6.19 -9.04
N GLU C 8 -18.51 -5.69 -8.25
CA GLU C 8 -18.57 -4.28 -7.87
C GLU C 8 -17.36 -3.87 -7.02
N GLU C 9 -16.92 -4.76 -6.14
CA GLU C 9 -15.69 -4.56 -5.38
C GLU C 9 -14.47 -4.54 -6.31
N MET C 10 -14.40 -5.51 -7.22
CA MET C 10 -13.33 -5.61 -8.22
C MET C 10 -13.17 -4.31 -9.01
N LYS C 11 -14.30 -3.77 -9.47
CA LYS C 11 -14.33 -2.51 -10.21
C LYS C 11 -13.85 -1.33 -9.36
N ASN C 12 -14.38 -1.22 -8.14
CA ASN C 12 -14.04 -0.15 -7.20
C ASN C 12 -12.56 -0.10 -6.87
N GLU C 13 -12.01 -1.25 -6.52
CA GLU C 13 -10.60 -1.40 -6.17
C GLU C 13 -9.70 -0.96 -7.33
N ALA C 14 -10.03 -1.39 -8.55
CA ALA C 14 -9.29 -1.00 -9.77
C ALA C 14 -9.31 0.51 -10.05
N GLU C 15 -10.36 1.20 -9.60
CA GLU C 15 -10.50 2.63 -9.85
C GLU C 15 -9.93 3.49 -8.72
N THR C 16 -9.36 2.84 -7.71
CA THR C 16 -8.89 3.47 -6.48
C THR C 16 -7.36 3.27 -6.34
N THR C 17 -6.60 4.13 -7.01
CA THR C 17 -5.15 3.93 -7.09
C THR C 17 -4.36 5.22 -6.79
N SER C 18 -5.06 6.30 -6.51
CA SER C 18 -4.38 7.56 -6.22
C SER C 18 -3.62 7.38 -4.91
N MET C 19 -2.59 8.20 -4.70
CA MET C 19 -1.76 8.05 -3.52
C MET C 19 -2.51 8.19 -2.20
N VAL C 20 -3.47 9.12 -2.10
CA VAL C 20 -4.24 9.26 -0.85
C VAL C 20 -4.90 7.95 -0.40
N SER C 21 -5.08 7.02 -1.33
CA SER C 21 -5.75 5.73 -1.03
C SER C 21 -4.81 4.60 -0.63
N MET C 22 -3.51 4.81 -0.73
CA MET C 22 -2.56 3.72 -0.39
C MET C 22 -2.68 3.14 1.03
N PRO C 23 -3.14 3.93 2.04
CA PRO C 23 -3.29 3.33 3.39
C PRO C 23 -4.34 2.21 3.48
N LEU C 24 -5.33 2.23 2.59
CA LEU C 24 -6.24 1.09 2.41
C LEU C 24 -5.48 -0.20 2.15
N TYR C 25 -4.46 -0.12 1.29
CA TYR C 25 -3.71 -1.29 0.90
C TYR C 25 -2.59 -1.59 1.88
N ALA C 26 -1.89 -0.54 2.29
CA ALA C 26 -0.68 -0.69 3.09
C ALA C 26 -0.97 -1.01 4.54
N VAL C 27 -2.10 -0.54 5.07
CA VAL C 27 -2.45 -0.79 6.47
C VAL C 27 -3.68 -1.69 6.63
N MET C 28 -4.74 -1.45 5.86
CA MET C 28 -5.98 -2.21 6.07
C MET C 28 -5.97 -3.62 5.46
N TYR C 29 -5.41 -3.77 4.25
CA TYR C 29 -5.30 -5.10 3.62
C TYR C 29 -4.47 -6.12 4.44
N PRO C 30 -3.31 -5.72 4.98
CA PRO C 30 -2.62 -6.72 5.85
C PRO C 30 -3.47 -7.14 7.04
N VAL C 31 -4.25 -6.19 7.60
CA VAL C 31 -5.18 -6.50 8.69
C VAL C 31 -6.23 -7.51 8.21
N PHE C 32 -6.89 -7.21 7.09
CA PHE C 32 -7.89 -8.12 6.52
C PHE C 32 -7.30 -9.49 6.21
N ASN C 33 -6.03 -9.53 5.83
CA ASN C 33 -5.35 -10.78 5.52
C ASN C 33 -5.16 -11.68 6.74
N GLU C 34 -4.89 -11.06 7.89
CA GLU C 34 -4.75 -11.78 9.16
C GLU C 34 -6.10 -12.17 9.73
N LEU C 35 -7.03 -11.22 9.71
CA LEU C 35 -8.39 -11.43 10.18
C LEU C 35 -9.05 -12.62 9.50
N GLU C 36 -8.72 -12.77 8.21
CA GLU C 36 -9.25 -13.81 7.33
C GLU C 36 -9.16 -15.21 7.91
N ARG C 37 -8.05 -15.51 8.56
CA ARG C 37 -7.74 -16.88 9.00
C ARG C 37 -8.30 -17.24 10.36
N VAL C 38 -8.99 -16.30 11.00
CA VAL C 38 -9.67 -16.56 12.28
C VAL C 38 -11.14 -16.12 12.22
N ASN C 39 -11.41 -15.07 11.45
CA ASN C 39 -12.76 -14.57 11.29
C ASN C 39 -13.03 -14.13 9.85
N LEU C 40 -13.50 -15.07 9.03
CA LEU C 40 -13.70 -14.88 7.59
C LEU C 40 -14.80 -13.87 7.25
N SER C 41 -15.92 -13.95 7.97
CA SER C 41 -17.05 -13.08 7.69
C SER C 41 -16.76 -11.62 8.01
N ALA C 42 -16.08 -11.37 9.13
CA ALA C 42 -15.73 -10.01 9.49
C ALA C 42 -14.73 -9.41 8.50
N ALA C 43 -13.69 -10.17 8.17
CA ALA C 43 -12.65 -9.72 7.24
C ALA C 43 -13.25 -9.26 5.91
N GLN C 44 -14.14 -10.08 5.35
CA GLN C 44 -14.80 -9.80 4.07
C GLN C 44 -15.77 -8.62 4.15
N THR C 45 -16.63 -8.62 5.16
CA THR C 45 -17.57 -7.50 5.33
C THR C 45 -16.85 -6.18 5.57
N LEU C 46 -15.85 -6.18 6.44
CA LEU C 46 -15.05 -4.98 6.70
C LEU C 46 -14.27 -4.50 5.47
N ARG C 47 -13.68 -5.42 4.71
CA ARG C 47 -13.00 -5.02 3.47
C ARG C 47 -13.99 -4.46 2.47
N ALA C 48 -15.14 -5.12 2.34
CA ALA C 48 -16.20 -4.68 1.46
C ALA C 48 -16.60 -3.23 1.73
N ALA C 49 -16.88 -2.92 3.00
CA ALA C 49 -17.28 -1.58 3.36
C ALA C 49 -16.14 -0.57 3.16
N PHE C 50 -14.91 -0.93 3.53
CA PHE C 50 -13.76 -0.07 3.34
C PHE C 50 -13.51 0.26 1.86
N ILE C 51 -13.64 -0.73 1.00
CA ILE C 51 -13.42 -0.55 -0.44
C ILE C 51 -14.42 0.40 -1.10
N LYS C 52 -15.69 0.25 -0.75
CA LYS C 52 -16.75 1.05 -1.34
C LYS C 52 -16.59 2.50 -0.88
N ALA C 53 -16.45 2.68 0.43
CA ALA C 53 -16.25 3.98 1.03
C ALA C 53 -15.00 4.68 0.51
N GLU C 54 -13.90 3.93 0.40
CA GLU C 54 -12.66 4.51 -0.12
C GLU C 54 -12.81 4.95 -1.57
N LYS C 55 -13.45 4.13 -2.40
CA LYS C 55 -13.58 4.45 -3.82
C LYS C 55 -14.39 5.73 -4.01
N GLU C 56 -15.43 5.91 -3.20
CA GLU C 56 -16.35 7.04 -3.38
C GLU C 56 -15.85 8.32 -2.72
N ASN C 57 -14.85 8.20 -1.84
CA ASN C 57 -14.28 9.35 -1.12
C ASN C 57 -12.80 9.15 -0.83
N PRO C 58 -11.94 9.15 -1.87
CA PRO C 58 -10.53 8.83 -1.64
C PRO C 58 -9.90 9.68 -0.54
N GLY C 59 -9.14 9.04 0.34
CA GLY C 59 -8.55 9.74 1.49
C GLY C 59 -9.21 9.34 2.79
N LEU C 60 -10.39 8.74 2.70
CA LEU C 60 -11.16 8.33 3.87
C LEU C 60 -10.41 7.38 4.84
N THR C 61 -9.71 6.38 4.30
CA THR C 61 -8.98 5.44 5.14
C THR C 61 -7.83 6.08 5.88
N GLN C 62 -7.12 6.97 5.20
CA GLN C 62 -6.05 7.80 5.79
C GLN C 62 -6.61 8.64 6.94
N ASP C 63 -7.80 9.21 6.77
CA ASP C 63 -8.44 10.01 7.80
C ASP C 63 -8.78 9.18 9.01
N ILE C 64 -9.37 8.00 8.77
CA ILE C 64 -9.73 7.09 9.84
C ILE C 64 -8.48 6.62 10.59
N ILE C 65 -7.44 6.25 9.86
CA ILE C 65 -6.20 5.83 10.51
C ILE C 65 -5.62 6.94 11.37
N MET C 66 -5.46 8.15 10.82
CA MET C 66 -4.88 9.27 11.59
C MET C 66 -5.67 9.55 12.87
N LYS C 67 -6.98 9.37 12.80
CA LYS C 67 -7.81 9.67 13.95
C LYS C 67 -7.67 8.58 14.99
N ILE C 68 -7.46 7.34 14.54
CA ILE C 68 -7.17 6.23 15.47
C ILE C 68 -5.85 6.47 16.19
N LEU C 69 -4.82 6.87 15.45
CA LEU C 69 -3.53 7.23 16.05
C LEU C 69 -3.60 8.38 17.03
N GLU C 70 -4.46 9.35 16.73
CA GLU C 70 -4.71 10.49 17.65
C GLU C 70 -5.23 10.04 19.00
N LYS C 71 -6.01 8.96 19.00
CA LYS C 71 -6.64 8.44 20.21
C LYS C 71 -5.75 7.41 20.93
N LYS C 72 -4.44 7.50 20.73
CA LYS C 72 -3.48 6.56 21.29
C LYS C 72 -3.59 6.43 22.81
N SER C 73 -3.70 7.56 23.51
CA SER C 73 -3.76 7.56 24.96
C SER C 73 -5.00 6.89 25.54
N VAL C 74 -6.08 6.77 24.73
CA VAL C 74 -7.24 5.97 25.14
C VAL C 74 -6.82 4.50 25.20
N GLU C 75 -6.08 4.07 24.17
CA GLU C 75 -5.61 2.69 24.06
C GLU C 75 -4.57 2.31 25.11
N VAL C 76 -3.68 3.24 25.44
CA VAL C 76 -2.72 3.02 26.52
C VAL C 76 -3.48 2.80 27.82
N ASN C 77 -4.42 3.70 28.13
CA ASN C 77 -5.28 3.58 29.31
C ASN C 77 -6.02 2.25 29.31
N PHE C 78 -6.58 1.87 28.16
CA PHE C 78 -7.30 0.60 28.04
C PHE C 78 -6.41 -0.60 28.28
N THR C 79 -5.22 -0.61 27.66
CA THR C 79 -4.28 -1.72 27.82
C THR C 79 -3.79 -1.84 29.27
N GLU C 80 -3.49 -0.71 29.90
CA GLU C 80 -3.22 -0.68 31.34
C GLU C 80 -4.29 -1.42 32.15
N SER C 81 -5.56 -1.12 31.86
CA SER C 81 -6.66 -1.75 32.60
C SER C 81 -6.78 -3.26 32.38
N LEU C 82 -6.61 -3.70 31.14
CA LEU C 82 -6.54 -5.13 30.81
C LEU C 82 -5.49 -5.85 31.66
N LEU C 83 -4.30 -5.28 31.70
CA LEU C 83 -3.22 -5.84 32.49
C LEU C 83 -3.61 -5.91 33.97
N ARG C 84 -4.12 -4.83 34.53
CA ARG C 84 -4.49 -4.79 35.95
C ARG C 84 -5.50 -5.87 36.31
N MET C 85 -6.40 -6.17 35.38
CA MET C 85 -7.46 -7.15 35.57
C MET C 85 -6.97 -8.59 35.38
N ALA C 86 -5.92 -8.77 34.60
CA ALA C 86 -5.44 -10.09 34.22
C ALA C 86 -5.10 -11.00 35.42
N ALA C 87 -4.80 -10.39 36.57
CA ALA C 87 -4.40 -11.15 37.77
C ALA C 87 -5.56 -11.71 38.58
N ASP C 88 -6.79 -11.34 38.20
CA ASP C 88 -7.98 -11.73 38.93
C ASP C 88 -8.35 -13.20 38.72
N ASP C 89 -7.48 -14.09 39.21
CA ASP C 89 -7.69 -15.54 39.07
C ASP C 89 -9.16 -15.93 39.30
N VAL C 90 -9.72 -16.65 38.33
CA VAL C 90 -11.14 -17.03 38.35
C VAL C 90 -11.46 -18.16 39.35
N GLU C 91 -10.42 -18.65 40.02
CA GLU C 91 -10.51 -19.83 40.92
C GLU C 91 -10.84 -21.12 40.16
N GLU C 92 -10.61 -21.08 38.85
CA GLU C 92 -10.70 -22.27 38.00
C GLU C 92 -9.29 -22.78 37.70
N TYR C 93 -8.29 -21.99 38.10
CA TYR C 93 -6.89 -22.38 38.01
C TYR C 93 -6.43 -23.10 39.28
N MET C 94 -6.93 -22.63 40.43
CA MET C 94 -6.64 -23.25 41.73
C MET C 94 -6.73 -24.77 41.61
N ILE C 95 -5.61 -25.44 41.84
CA ILE C 95 -5.50 -26.89 41.69
C ILE C 95 -6.38 -27.62 42.70
N GLU C 96 -7.22 -28.51 42.19
CA GLU C 96 -8.17 -29.27 43.00
C GLU C 96 -7.49 -30.28 43.91
N ARG C 97 -6.23 -30.58 43.62
CA ARG C 97 -5.41 -31.44 44.47
C ARG C 97 -5.02 -30.72 45.76
N PRO C 98 -5.26 -31.36 46.92
CA PRO C 98 -5.00 -30.75 48.23
C PRO C 98 -3.52 -30.78 48.65
N GLU C 99 -2.69 -31.46 47.86
CA GLU C 99 -1.26 -31.63 48.17
C GLU C 99 -0.51 -30.30 48.30
N PRO C 100 0.43 -30.22 49.28
CA PRO C 100 1.20 -29.00 49.54
C PRO C 100 2.04 -28.55 48.35
N GLU C 101 2.41 -29.48 47.49
CA GLU C 101 3.21 -29.18 46.29
C GLU C 101 2.38 -28.44 45.25
N PHE C 102 1.09 -28.80 45.16
CA PHE C 102 0.17 -28.14 44.25
C PHE C 102 -0.40 -26.85 44.87
N GLN C 103 -0.32 -26.75 46.19
CA GLN C 103 -0.62 -25.51 46.91
C GLN C 103 0.52 -24.51 46.71
N ASP C 104 1.74 -25.03 46.71
CA ASP C 104 2.96 -24.25 46.50
C ASP C 104 2.97 -23.60 45.12
N LEU C 105 2.48 -24.36 44.13
CA LEU C 105 2.44 -23.92 42.74
C LEU C 105 1.40 -22.84 42.49
N ASN C 106 0.24 -22.97 43.12
CA ASN C 106 -0.83 -21.97 43.03
C ASN C 106 -0.36 -20.60 43.53
N GLU C 107 0.24 -20.59 44.72
CA GLU C 107 0.70 -19.36 45.36
C GLU C 107 1.80 -18.64 44.59
N LYS C 108 2.73 -19.39 44.02
CA LYS C 108 3.82 -18.82 43.22
C LYS C 108 3.34 -18.32 41.85
N ALA C 109 2.24 -18.90 41.35
CA ALA C 109 1.60 -18.44 40.12
C ALA C 109 0.78 -17.18 40.39
N ARG C 110 0.04 -17.18 41.49
CA ARG C 110 -0.68 -15.99 41.93
C ARG C 110 0.31 -14.86 42.20
N ALA C 111 1.44 -15.20 42.80
CA ALA C 111 2.49 -14.22 43.09
C ALA C 111 2.97 -13.51 41.83
N LEU C 112 3.44 -14.29 40.84
CA LEU C 112 3.97 -13.72 39.60
C LEU C 112 2.93 -12.87 38.84
N LYS C 113 1.71 -13.38 38.70
CA LYS C 113 0.63 -12.69 38.02
C LYS C 113 0.24 -11.39 38.73
N GLN C 114 0.37 -11.39 40.05
CA GLN C 114 0.07 -10.24 40.90
C GLN C 114 1.04 -9.11 40.58
N ILE C 115 2.35 -9.39 40.62
CA ILE C 115 3.35 -8.36 40.35
C ILE C 115 3.22 -7.79 38.94
N LEU C 116 3.06 -8.67 37.95
CA LEU C 116 2.97 -8.26 36.55
C LEU C 116 1.81 -7.30 36.30
N SER C 117 0.66 -7.55 36.95
CA SER C 117 -0.54 -6.72 36.77
C SER C 117 -0.39 -5.30 37.35
N LYS C 118 0.57 -5.13 38.25
CA LYS C 118 0.83 -3.84 38.87
C LYS C 118 1.80 -2.96 38.06
N ILE C 119 2.35 -3.50 36.97
CA ILE C 119 3.30 -2.75 36.13
C ILE C 119 2.82 -1.33 35.74
N PRO C 120 1.56 -1.18 35.30
CA PRO C 120 1.13 0.16 34.91
C PRO C 120 1.36 1.24 35.97
N ASP C 121 1.43 0.85 37.23
CA ASP C 121 1.50 1.81 38.32
C ASP C 121 2.88 1.94 38.96
N GLU C 122 3.85 1.18 38.47
CA GLU C 122 5.22 1.25 38.96
C GLU C 122 6.14 1.86 37.92
N ILE C 123 5.75 1.73 36.65
CA ILE C 123 6.57 2.10 35.49
C ILE C 123 7.01 3.58 35.44
N ASN C 124 6.26 4.45 36.10
CA ASN C 124 6.56 5.90 36.09
C ASN C 124 7.57 6.38 37.12
N ASP C 125 8.02 5.46 37.98
CA ASP C 125 9.09 5.76 38.92
C ASP C 125 10.21 4.73 38.72
N ARG C 126 11.32 5.21 38.18
CA ARG C 126 12.44 4.33 37.80
C ARG C 126 12.98 3.51 38.97
N VAL C 127 12.97 4.09 40.17
CA VAL C 127 13.37 3.35 41.37
C VAL C 127 12.41 2.17 41.61
N ARG C 128 11.13 2.46 41.76
CA ARG C 128 10.11 1.43 41.99
C ARG C 128 10.03 0.41 40.87
N PHE C 129 10.20 0.87 39.63
CA PHE C 129 10.17 -0.01 38.47
C PHE C 129 11.33 -1.00 38.43
N LEU C 130 12.51 -0.56 38.87
CA LEU C 130 13.68 -1.43 38.98
C LEU C 130 13.44 -2.53 40.01
N GLN C 131 12.85 -2.15 41.14
CA GLN C 131 12.46 -3.11 42.17
C GLN C 131 11.45 -4.10 41.61
N THR C 132 10.43 -3.59 40.95
CA THR C 132 9.41 -4.42 40.32
C THR C 132 10.04 -5.47 39.40
N ILE C 133 10.99 -5.03 38.56
CA ILE C 133 11.72 -5.94 37.67
C ILE C 133 12.47 -7.03 38.46
N LYS C 134 13.09 -6.64 39.57
CA LYS C 134 13.74 -7.58 40.48
C LYS C 134 12.73 -8.58 41.07
N ASP C 135 11.56 -8.07 41.47
CA ASP C 135 10.51 -8.92 42.03
C ASP C 135 9.97 -9.92 41.01
N ILE C 136 9.80 -9.45 39.77
CA ILE C 136 9.42 -10.30 38.66
C ILE C 136 10.44 -11.44 38.50
N ALA C 137 11.73 -11.10 38.52
CA ALA C 137 12.80 -12.10 38.40
C ALA C 137 12.66 -13.19 39.47
N SER C 138 12.56 -12.78 40.72
CA SER C 138 12.37 -13.72 41.84
C SER C 138 11.09 -14.54 41.69
N ALA C 139 10.01 -13.89 41.26
CA ALA C 139 8.74 -14.60 41.03
C ALA C 139 8.88 -15.67 39.94
N ILE C 140 9.39 -15.29 38.78
CA ILE C 140 9.67 -16.25 37.70
C ILE C 140 10.57 -17.36 38.21
N LYS C 141 11.71 -16.97 38.80
CA LYS C 141 12.68 -17.89 39.39
C LYS C 141 12.00 -18.92 40.30
N GLU C 142 11.22 -18.44 41.25
CA GLU C 142 10.55 -19.29 42.25
C GLU C 142 9.44 -20.16 41.67
N LEU C 143 8.83 -19.72 40.57
CA LEU C 143 7.79 -20.50 39.91
C LEU C 143 8.37 -21.66 39.11
N LEU C 144 9.45 -21.40 38.38
CA LEU C 144 10.13 -22.42 37.59
C LEU C 144 10.64 -23.58 38.46
N ASP C 145 11.10 -23.25 39.66
CA ASP C 145 11.52 -24.27 40.64
C ASP C 145 10.36 -25.16 41.06
N THR C 146 9.20 -24.55 41.30
CA THR C 146 8.02 -25.28 41.76
C THR C 146 7.43 -26.15 40.64
N VAL C 147 7.58 -25.70 39.40
CA VAL C 147 7.19 -26.50 38.24
C VAL C 147 8.09 -27.74 38.16
N ASN C 148 9.40 -27.52 38.21
CA ASN C 148 10.40 -28.60 38.19
C ASN C 148 10.27 -29.56 39.37
N ASN C 149 9.91 -29.01 40.54
CA ASN C 149 9.70 -29.80 41.75
C ASN C 149 8.47 -30.70 41.67
N VAL C 150 7.45 -30.25 40.94
CA VAL C 150 6.22 -31.01 40.75
C VAL C 150 6.28 -31.84 39.46
N PHE C 151 7.16 -31.45 38.54
CA PHE C 151 7.28 -32.09 37.23
C PHE C 151 7.68 -33.55 37.33
N LYS C 152 8.90 -33.79 37.82
CA LYS C 152 9.44 -35.15 37.92
C LYS C 152 8.86 -35.93 39.10
N LYS C 153 8.56 -35.23 40.19
CA LYS C 153 8.17 -35.88 41.44
C LYS C 153 6.75 -36.48 41.42
N TYR C 154 5.79 -35.73 40.88
CA TYR C 154 4.39 -36.10 41.03
C TYR C 154 3.65 -36.64 39.81
N GLN C 155 3.17 -35.73 38.95
CA GLN C 155 2.18 -36.04 37.91
C GLN C 155 2.60 -37.04 36.83
N TYR C 156 3.05 -36.52 35.69
CA TYR C 156 3.28 -37.34 34.49
C TYR C 156 2.03 -38.14 34.11
N GLN C 157 0.99 -37.41 33.71
CA GLN C 157 -0.33 -37.97 33.41
C GLN C 157 -0.39 -38.57 32.01
N ASN C 158 -1.53 -38.39 31.33
CA ASN C 158 -1.66 -38.73 29.91
C ASN C 158 -0.95 -37.71 29.04
N ARG C 159 -0.79 -36.50 29.57
CA ARG C 159 -0.08 -35.43 28.88
C ARG C 159 1.34 -35.26 29.41
N ARG C 160 2.30 -35.29 28.49
CA ARG C 160 3.67 -34.90 28.77
C ARG C 160 3.94 -33.60 28.01
N ALA C 161 2.86 -33.00 27.51
CA ALA C 161 2.88 -31.70 26.85
C ALA C 161 2.98 -30.57 27.88
N LEU C 162 3.09 -30.95 29.15
CA LEU C 162 3.40 -30.03 30.23
C LEU C 162 4.81 -29.48 30.05
N GLU C 163 5.65 -30.26 29.36
CA GLU C 163 7.00 -29.86 28.99
C GLU C 163 6.99 -28.65 28.05
N HIS C 164 6.05 -28.66 27.09
CA HIS C 164 5.97 -27.61 26.08
C HIS C 164 5.52 -26.26 26.64
N GLN C 165 4.64 -26.29 27.63
CA GLN C 165 4.14 -25.06 28.27
C GLN C 165 5.21 -24.39 29.13
N LYS C 166 6.19 -25.17 29.60
CA LYS C 166 7.36 -24.63 30.28
C LYS C 166 8.28 -23.96 29.25
N LYS C 167 8.46 -24.63 28.11
CA LYS C 167 9.24 -24.08 26.98
C LYS C 167 8.60 -22.81 26.45
N GLU C 168 7.27 -22.77 26.45
CA GLU C 168 6.52 -21.60 25.99
C GLU C 168 6.63 -20.46 27.01
N PHE C 169 6.40 -20.77 28.28
CA PHE C 169 6.54 -19.81 29.37
C PHE C 169 7.90 -19.11 29.32
N VAL C 170 8.96 -19.89 29.16
CA VAL C 170 10.33 -19.36 29.04
C VAL C 170 10.47 -18.45 27.82
N LYS C 171 9.99 -18.93 26.67
CA LYS C 171 10.04 -18.15 25.42
C LYS C 171 9.36 -16.80 25.62
N TYR C 172 8.15 -16.81 26.17
CA TYR C 172 7.42 -15.58 26.48
C TYR C 172 8.09 -14.74 27.58
N SER C 173 8.75 -15.43 28.52
CA SER C 173 9.49 -14.75 29.58
C SER C 173 10.70 -14.00 29.01
N LYS C 174 11.44 -14.65 28.10
CA LYS C 174 12.58 -14.03 27.42
C LYS C 174 12.15 -12.86 26.53
N SER C 175 10.97 -12.97 25.93
CA SER C 175 10.42 -11.94 25.06
C SER C 175 10.05 -10.67 25.83
N PHE C 176 9.50 -10.85 27.02
CA PHE C 176 9.22 -9.74 27.95
C PHE C 176 10.50 -9.01 28.33
N SER C 177 11.57 -9.76 28.58
CA SER C 177 12.90 -9.19 28.84
C SER C 177 13.34 -8.25 27.72
N ASP C 178 13.24 -8.73 26.48
CA ASP C 178 13.57 -7.92 25.30
C ASP C 178 12.75 -6.62 25.25
N THR C 179 11.47 -6.72 25.59
CA THR C 179 10.55 -5.59 25.53
C THR C 179 10.91 -4.51 26.56
N LEU C 180 11.36 -4.93 27.74
CA LEU C 180 11.84 -4.01 28.76
C LEU C 180 13.02 -3.21 28.23
N LYS C 181 14.01 -3.92 27.69
CA LYS C 181 15.20 -3.30 27.10
C LYS C 181 14.84 -2.32 25.99
N THR C 182 13.85 -2.67 25.19
CA THR C 182 13.38 -1.82 24.09
C THR C 182 12.68 -0.57 24.63
N TYR C 183 11.88 -0.74 25.68
CA TYR C 183 11.22 0.39 26.35
C TYR C 183 12.20 1.42 26.88
N PHE C 184 13.27 0.97 27.52
CA PHE C 184 14.30 1.84 28.08
C PHE C 184 15.07 2.62 27.01
N LYS C 185 14.65 2.46 25.76
CA LYS C 185 15.19 3.19 24.63
C LYS C 185 14.06 3.96 23.92
N ASP C 186 12.83 3.46 24.05
CA ASP C 186 11.66 4.01 23.37
C ASP C 186 10.77 4.89 24.24
N GLY C 187 10.52 4.45 25.47
CA GLY C 187 9.50 5.08 26.30
C GLY C 187 8.09 4.60 25.96
N LYS C 188 7.96 3.85 24.86
CA LYS C 188 6.67 3.29 24.46
C LYS C 188 6.27 2.19 25.45
N ALA C 189 5.48 2.58 26.45
CA ALA C 189 5.14 1.70 27.56
C ALA C 189 4.11 0.64 27.17
N ILE C 190 3.32 0.92 26.14
CA ILE C 190 2.28 0.00 25.71
C ILE C 190 2.84 -1.39 25.35
N ASN C 191 4.05 -1.43 24.80
CA ASN C 191 4.71 -2.70 24.50
C ASN C 191 4.95 -3.55 25.74
N VAL C 192 5.21 -2.88 26.87
CA VAL C 192 5.49 -3.55 28.14
C VAL C 192 4.22 -4.15 28.73
N PHE C 193 3.12 -3.39 28.65
CA PHE C 193 1.84 -3.84 29.17
C PHE C 193 1.32 -5.05 28.38
N VAL C 194 1.38 -4.94 27.06
CA VAL C 194 1.02 -6.03 26.14
C VAL C 194 1.85 -7.28 26.44
N SER C 195 3.15 -7.09 26.63
CA SER C 195 4.05 -8.19 26.92
C SER C 195 3.84 -8.83 28.30
N ALA C 196 3.53 -8.01 29.31
CA ALA C 196 3.24 -8.53 30.65
C ALA C 196 1.94 -9.34 30.66
N ASN C 197 0.98 -8.90 29.86
CA ASN C 197 -0.30 -9.59 29.75
C ASN C 197 -0.20 -10.95 29.06
N ARG C 198 0.75 -11.11 28.15
CA ARG C 198 0.99 -12.40 27.50
C ARG C 198 1.60 -13.39 28.50
N LEU C 199 2.57 -12.91 29.28
CA LEU C 199 3.23 -13.76 30.28
C LEU C 199 2.24 -14.26 31.33
N ILE C 200 1.30 -13.42 31.73
CA ILE C 200 0.21 -13.83 32.62
C ILE C 200 -0.63 -14.95 31.99
N HIS C 201 -0.95 -14.82 30.71
CA HIS C 201 -1.74 -15.83 30.00
C HIS C 201 -1.02 -17.17 29.96
N GLN C 202 0.30 -17.11 29.81
CA GLN C 202 1.14 -18.31 29.76
C GLN C 202 1.19 -19.00 31.11
N THR C 203 1.20 -18.20 32.17
CA THR C 203 1.19 -18.70 33.54
C THR C 203 -0.12 -19.45 33.79
N ASN C 204 -1.22 -18.95 33.24
CA ASN C 204 -2.53 -19.61 33.32
C ASN C 204 -2.58 -20.94 32.57
N LEU C 205 -1.94 -20.99 31.40
CA LEU C 205 -1.92 -22.20 30.57
C LEU C 205 -1.19 -23.37 31.25
N ILE C 206 -0.11 -23.06 31.97
CA ILE C 206 0.56 -24.03 32.82
C ILE C 206 -0.44 -24.62 33.82
N LEU C 207 -1.20 -23.75 34.47
CA LEU C 207 -2.19 -24.16 35.48
C LEU C 207 -3.37 -24.94 34.89
N GLN C 208 -3.61 -24.78 33.59
CA GLN C 208 -4.75 -25.43 32.92
C GLN C 208 -4.44 -26.87 32.53
N THR C 209 -3.22 -27.13 32.09
CA THR C 209 -2.80 -28.46 31.62
C THR C 209 -2.83 -29.52 32.73
N PHE C 210 -2.73 -29.07 33.98
CA PHE C 210 -2.79 -29.97 35.13
C PHE C 210 -4.22 -30.47 35.41
N LYS C 211 -5.21 -29.71 34.94
CA LYS C 211 -6.62 -30.06 35.09
C LYS C 211 -7.11 -30.87 33.89
N THR C 212 -7.09 -30.26 32.70
CA THR C 212 -7.56 -30.89 31.47
C THR C 212 -6.39 -31.39 30.61
N MET D 10 -28.44 -18.70 30.13
CA MET D 10 -29.13 -17.39 29.93
C MET D 10 -28.57 -16.64 28.71
N LYS D 11 -29.38 -15.70 28.19
CA LYS D 11 -29.07 -14.95 26.96
C LYS D 11 -28.54 -13.55 27.25
N ASN D 12 -28.50 -13.17 28.53
CA ASN D 12 -28.10 -11.83 28.95
C ASN D 12 -26.63 -11.55 28.72
N GLU D 13 -25.78 -12.57 28.90
CA GLU D 13 -24.35 -12.48 28.64
C GLU D 13 -24.04 -12.06 27.20
N ALA D 14 -24.92 -12.46 26.28
CA ALA D 14 -24.80 -12.09 24.87
C ALA D 14 -25.12 -10.62 24.65
N GLU D 15 -26.23 -10.16 25.24
CA GLU D 15 -26.68 -8.77 25.13
C GLU D 15 -25.76 -7.78 25.86
N THR D 16 -25.26 -8.18 27.02
CA THR D 16 -24.35 -7.34 27.83
C THR D 16 -23.03 -7.09 27.11
N THR D 17 -22.62 -5.82 27.04
CA THR D 17 -21.36 -5.44 26.44
C THR D 17 -20.22 -5.76 27.39
N SER D 18 -19.21 -6.46 26.88
CA SER D 18 -18.07 -6.82 27.70
C SER D 18 -16.95 -5.80 27.58
N MET D 19 -16.14 -5.73 28.64
CA MET D 19 -15.01 -4.81 28.76
C MET D 19 -14.13 -4.74 27.51
N VAL D 20 -13.85 -5.89 26.91
CA VAL D 20 -12.97 -5.93 25.76
C VAL D 20 -13.58 -5.34 24.48
N SER D 21 -14.86 -4.97 24.53
CA SER D 21 -15.49 -4.24 23.42
C SER D 21 -15.43 -2.71 23.52
N MET D 22 -14.95 -2.22 24.67
CA MET D 22 -14.87 -0.77 24.94
C MET D 22 -14.22 0.11 23.84
N PRO D 23 -13.13 -0.36 23.20
CA PRO D 23 -12.52 0.49 22.14
C PRO D 23 -13.41 0.78 20.92
N LEU D 24 -14.41 -0.06 20.68
CA LEU D 24 -15.45 0.24 19.70
C LEU D 24 -16.14 1.58 20.01
N TYR D 25 -16.47 1.80 21.28
CA TYR D 25 -17.22 2.99 21.69
C TYR D 25 -16.33 4.17 22.04
N ALA D 26 -15.10 3.90 22.42
CA ALA D 26 -14.21 4.97 22.87
C ALA D 26 -13.30 5.42 21.76
N VAL D 27 -13.12 4.59 20.74
CA VAL D 27 -12.29 4.95 19.58
C VAL D 27 -13.09 5.02 18.28
N MET D 28 -13.76 3.93 17.91
CA MET D 28 -14.45 3.89 16.61
C MET D 28 -15.67 4.84 16.49
N TYR D 29 -16.61 4.76 17.44
CA TYR D 29 -17.79 5.63 17.41
C TYR D 29 -17.46 7.14 17.33
N PRO D 30 -16.47 7.64 18.12
CA PRO D 30 -16.11 9.06 17.94
C PRO D 30 -15.69 9.37 16.51
N VAL D 31 -14.94 8.44 15.89
CA VAL D 31 -14.48 8.62 14.50
C VAL D 31 -15.65 8.62 13.53
N PHE D 32 -16.55 7.65 13.68
CA PHE D 32 -17.76 7.63 12.83
C PHE D 32 -18.68 8.83 13.06
N ASN D 33 -18.79 9.28 14.31
CA ASN D 33 -19.60 10.48 14.61
C ASN D 33 -19.05 11.74 13.94
N GLU D 34 -17.72 11.84 13.86
CA GLU D 34 -17.05 12.98 13.20
C GLU D 34 -17.23 12.87 11.69
N LEU D 35 -17.21 11.65 11.19
CA LEU D 35 -17.26 11.35 9.76
C LEU D 35 -18.65 11.56 9.17
N GLU D 36 -19.67 11.38 10.00
CA GLU D 36 -21.06 11.45 9.57
C GLU D 36 -21.44 12.82 9.04
N ARG D 37 -20.73 13.84 9.51
CA ARG D 37 -21.06 15.23 9.19
C ARG D 37 -20.66 15.61 7.77
N VAL D 38 -19.64 14.94 7.23
CA VAL D 38 -19.16 15.21 5.87
C VAL D 38 -19.35 14.02 4.91
N ASN D 39 -19.61 12.84 5.48
CA ASN D 39 -19.82 11.63 4.69
C ASN D 39 -20.69 10.62 5.46
N LEU D 40 -21.98 10.61 5.15
CA LEU D 40 -22.97 9.84 5.90
C LEU D 40 -22.99 8.35 5.53
N SER D 41 -23.09 8.04 4.24
CA SER D 41 -23.14 6.67 3.76
C SER D 41 -21.95 5.83 4.21
N ALA D 42 -20.75 6.42 4.12
CA ALA D 42 -19.54 5.74 4.60
C ALA D 42 -19.58 5.54 6.11
N ALA D 43 -19.97 6.59 6.84
CA ALA D 43 -20.09 6.51 8.30
C ALA D 43 -21.06 5.41 8.75
N GLN D 44 -22.22 5.33 8.08
CA GLN D 44 -23.24 4.32 8.37
C GLN D 44 -22.74 2.90 8.15
N THR D 45 -22.28 2.60 6.95
CA THR D 45 -21.84 1.26 6.58
C THR D 45 -20.65 0.73 7.39
N LEU D 46 -19.65 1.58 7.65
CA LEU D 46 -18.49 1.17 8.43
C LEU D 46 -18.87 0.92 9.89
N ARG D 47 -19.62 1.85 10.48
CA ARG D 47 -20.17 1.65 11.84
C ARG D 47 -20.97 0.35 11.94
N ALA D 48 -21.90 0.15 11.00
CA ALA D 48 -22.69 -1.07 10.93
C ALA D 48 -21.83 -2.34 10.82
N ALA D 49 -20.76 -2.26 10.04
CA ALA D 49 -19.88 -3.41 9.85
C ALA D 49 -19.06 -3.71 11.12
N PHE D 50 -18.59 -2.68 11.81
CA PHE D 50 -17.92 -2.87 13.09
C PHE D 50 -18.85 -3.43 14.16
N ILE D 51 -20.08 -2.92 14.22
CA ILE D 51 -21.09 -3.44 15.17
C ILE D 51 -21.36 -4.94 14.96
N LYS D 52 -21.70 -5.33 13.74
CA LYS D 52 -21.94 -6.74 13.44
C LYS D 52 -20.74 -7.60 13.86
N ALA D 53 -19.54 -7.21 13.41
CA ALA D 53 -18.32 -7.95 13.69
C ALA D 53 -18.01 -8.01 15.19
N GLU D 54 -18.09 -6.88 15.87
CA GLU D 54 -17.84 -6.84 17.31
C GLU D 54 -18.82 -7.73 18.08
N LYS D 55 -20.12 -7.60 17.80
CA LYS D 55 -21.14 -8.46 18.38
C LYS D 55 -20.85 -9.96 18.21
N GLU D 56 -20.39 -10.35 17.03
CA GLU D 56 -20.15 -11.77 16.75
C GLU D 56 -18.86 -12.31 17.38
N ASN D 57 -17.82 -11.48 17.45
CA ASN D 57 -16.58 -11.87 18.16
C ASN D 57 -15.96 -10.73 18.97
N PRO D 58 -16.47 -10.51 20.19
CA PRO D 58 -16.01 -9.41 21.06
C PRO D 58 -14.49 -9.39 21.27
N GLY D 59 -13.90 -8.21 21.12
CA GLY D 59 -12.45 -8.06 21.19
C GLY D 59 -11.87 -7.75 19.82
N LEU D 60 -12.67 -7.98 18.78
CA LEU D 60 -12.22 -7.83 17.41
C LEU D 60 -11.77 -6.41 17.11
N THR D 61 -12.56 -5.44 17.57
CA THR D 61 -12.25 -4.04 17.31
C THR D 61 -10.95 -3.64 17.99
N GLN D 62 -10.74 -4.15 19.19
CA GLN D 62 -9.49 -3.92 19.88
C GLN D 62 -8.30 -4.47 19.08
N ASP D 63 -8.44 -5.68 18.54
CA ASP D 63 -7.37 -6.29 17.73
C ASP D 63 -7.03 -5.42 16.54
N ILE D 64 -8.04 -4.92 15.86
CA ILE D 64 -7.84 -4.04 14.70
C ILE D 64 -7.09 -2.76 15.09
N ILE D 65 -7.50 -2.13 16.19
CA ILE D 65 -6.89 -0.89 16.64
C ILE D 65 -5.40 -1.07 16.90
N MET D 66 -5.06 -2.16 17.57
CA MET D 66 -3.68 -2.47 17.91
C MET D 66 -2.84 -2.76 16.68
N LYS D 67 -3.40 -3.45 15.68
CA LYS D 67 -2.68 -3.68 14.42
C LYS D 67 -2.34 -2.36 13.73
N ILE D 68 -3.24 -1.38 13.82
CA ILE D 68 -3.05 -0.09 13.18
C ILE D 68 -2.05 0.75 13.99
N LEU D 69 -2.19 0.77 15.30
CA LEU D 69 -1.22 1.42 16.19
C LEU D 69 0.19 0.87 16.01
N GLU D 70 0.29 -0.41 15.64
CA GLU D 70 1.58 -1.06 15.42
C GLU D 70 2.30 -0.43 14.23
N LYS D 71 1.51 0.12 13.31
CA LYS D 71 2.00 0.66 12.04
C LYS D 71 2.19 2.17 12.11
N LYS D 72 2.29 2.72 13.33
CA LYS D 72 2.40 4.17 13.51
C LYS D 72 3.51 4.80 12.68
N SER D 73 4.71 4.20 12.74
CA SER D 73 5.89 4.74 12.07
C SER D 73 5.76 4.75 10.55
N VAL D 74 5.07 3.74 10.00
CA VAL D 74 4.79 3.68 8.57
C VAL D 74 3.84 4.80 8.19
N GLU D 75 2.75 4.92 8.95
CA GLU D 75 1.72 5.91 8.67
C GLU D 75 2.22 7.34 8.84
N VAL D 76 3.11 7.56 9.81
CA VAL D 76 3.78 8.85 10.00
C VAL D 76 4.70 9.15 8.81
N ASN D 77 5.51 8.18 8.42
CA ASN D 77 6.34 8.29 7.21
C ASN D 77 5.47 8.62 5.97
N PHE D 78 4.38 7.87 5.82
CA PHE D 78 3.50 8.04 4.67
C PHE D 78 2.78 9.40 4.63
N THR D 79 2.36 9.90 5.78
CA THR D 79 1.67 11.17 5.83
C THR D 79 2.55 12.31 5.31
N GLU D 80 3.83 12.29 5.69
CA GLU D 80 4.78 13.29 5.23
C GLU D 80 5.00 13.14 3.71
N SER D 81 5.08 11.88 3.28
CA SER D 81 5.27 11.51 1.88
C SER D 81 4.18 12.09 0.99
N LEU D 82 2.94 12.00 1.47
CA LEU D 82 1.79 12.55 0.78
C LEU D 82 1.87 14.06 0.71
N LEU D 83 2.34 14.67 1.78
CA LEU D 83 2.57 16.11 1.80
C LEU D 83 3.65 16.53 0.79
N ARG D 84 4.75 15.80 0.73
CA ARG D 84 5.82 16.14 -0.21
C ARG D 84 5.36 16.02 -1.67
N MET D 85 4.35 15.15 -1.90
CA MET D 85 3.83 14.85 -3.23
C MET D 85 2.72 15.81 -3.66
N ALA D 86 2.23 16.60 -2.71
CA ALA D 86 1.12 17.53 -2.94
C ALA D 86 1.49 18.58 -3.97
N ALA D 87 2.78 18.61 -4.29
CA ALA D 87 3.35 19.53 -5.26
C ALA D 87 3.02 19.13 -6.71
N ASP D 88 2.90 17.82 -6.97
CA ASP D 88 2.71 17.28 -8.32
C ASP D 88 1.37 17.66 -8.92
N ASP D 89 0.33 17.64 -8.08
CA ASP D 89 -1.02 17.94 -8.51
C ASP D 89 -1.18 19.45 -8.70
N VAL D 90 -1.04 19.88 -9.95
CA VAL D 90 -1.12 21.30 -10.34
C VAL D 90 -1.90 21.50 -11.64
N GLU D 91 -1.57 20.70 -12.66
CA GLU D 91 -2.39 20.60 -13.88
C GLU D 91 -3.54 19.63 -13.58
N GLU D 92 -3.58 19.22 -12.32
CA GLU D 92 -4.66 18.44 -11.75
C GLU D 92 -5.57 19.39 -10.95
N TYR D 93 -6.88 19.17 -11.06
CA TYR D 93 -7.90 20.00 -10.42
C TYR D 93 -7.92 21.45 -10.92
N MET D 94 -7.06 21.75 -11.89
CA MET D 94 -7.01 23.07 -12.50
C MET D 94 -8.25 23.31 -13.36
N ILE D 95 -8.86 24.48 -13.19
CA ILE D 95 -10.02 24.87 -13.98
C ILE D 95 -9.58 25.27 -15.40
N GLU D 96 -10.27 24.73 -16.40
CA GLU D 96 -9.90 24.94 -17.80
C GLU D 96 -10.58 26.19 -18.39
N ARG D 97 -10.38 27.33 -17.72
CA ARG D 97 -10.94 28.61 -18.17
C ARG D 97 -9.82 29.57 -18.61
N PRO D 98 -10.00 30.24 -19.76
CA PRO D 98 -9.02 31.20 -20.27
C PRO D 98 -8.97 32.54 -19.53
N GLU D 99 -9.94 32.78 -18.66
CA GLU D 99 -10.06 34.05 -17.93
C GLU D 99 -8.83 34.39 -17.07
N PRO D 100 -8.50 35.69 -16.95
CA PRO D 100 -7.39 36.15 -16.11
C PRO D 100 -7.59 35.85 -14.63
N GLU D 101 -8.80 36.11 -14.12
CA GLU D 101 -9.14 35.82 -12.72
C GLU D 101 -9.15 34.32 -12.43
N PHE D 102 -9.56 33.53 -13.43
CA PHE D 102 -9.56 32.07 -13.32
C PHE D 102 -8.15 31.49 -13.35
N GLN D 103 -7.27 32.13 -14.13
CA GLN D 103 -5.86 31.74 -14.15
C GLN D 103 -5.15 32.15 -12.85
N ASP D 104 -5.62 33.25 -12.27
CA ASP D 104 -5.13 33.72 -10.98
C ASP D 104 -5.51 32.74 -9.88
N LEU D 105 -6.76 32.27 -9.92
CA LEU D 105 -7.27 31.30 -8.96
C LEU D 105 -6.49 29.99 -9.03
N ASN D 106 -6.12 29.58 -10.25
CA ASN D 106 -5.25 28.42 -10.45
C ASN D 106 -3.85 28.66 -9.87
N GLU D 107 -3.30 29.84 -10.16
CA GLU D 107 -1.96 30.22 -9.72
C GLU D 107 -1.83 30.29 -8.19
N LYS D 108 -2.85 30.86 -7.56
CA LYS D 108 -2.87 31.00 -6.09
C LYS D 108 -3.15 29.68 -5.39
N ALA D 109 -3.93 28.80 -6.04
CA ALA D 109 -4.14 27.45 -5.56
C ALA D 109 -2.84 26.65 -5.62
N ARG D 110 -2.16 26.72 -6.77
CA ARG D 110 -0.86 26.08 -6.97
C ARG D 110 0.15 26.52 -5.91
N ALA D 111 0.25 27.82 -5.71
CA ALA D 111 1.22 28.41 -4.79
C ALA D 111 1.05 27.88 -3.36
N LEU D 112 -0.18 27.93 -2.86
CA LEU D 112 -0.47 27.46 -1.51
C LEU D 112 -0.10 25.98 -1.34
N LYS D 113 -0.32 25.18 -2.38
CA LYS D 113 -0.01 23.77 -2.32
C LYS D 113 1.49 23.53 -2.37
N GLN D 114 2.17 24.29 -3.23
CA GLN D 114 3.63 24.22 -3.34
C GLN D 114 4.33 24.56 -2.02
N ILE D 115 3.86 25.62 -1.35
CA ILE D 115 4.49 26.04 -0.11
C ILE D 115 4.21 25.09 1.07
N LEU D 116 2.98 24.58 1.15
CA LEU D 116 2.65 23.58 2.17
C LEU D 116 3.45 22.29 1.97
N SER D 117 3.59 21.86 0.70
CA SER D 117 4.41 20.70 0.35
C SER D 117 5.90 20.84 0.72
N LYS D 118 6.33 22.07 1.05
CA LYS D 118 7.70 22.34 1.47
C LYS D 118 7.89 22.18 2.97
N ILE D 119 6.78 22.09 3.71
CA ILE D 119 6.84 22.03 5.18
C ILE D 119 7.81 20.95 5.72
N PRO D 120 7.84 19.75 5.11
CA PRO D 120 8.75 18.77 5.68
C PRO D 120 10.24 19.10 5.54
N ASP D 121 10.58 20.03 4.66
CA ASP D 121 11.98 20.43 4.48
C ASP D 121 12.37 21.57 5.42
N GLU D 122 11.40 22.39 5.80
CA GLU D 122 11.67 23.59 6.59
C GLU D 122 11.37 23.41 8.08
N ILE D 123 10.46 22.49 8.43
CA ILE D 123 10.01 22.31 9.82
C ILE D 123 11.12 22.01 10.83
N ASN D 124 12.23 21.45 10.36
CA ASN D 124 13.37 21.13 11.21
C ASN D 124 14.26 22.35 11.46
N ASP D 125 14.20 23.31 10.54
CA ASP D 125 14.96 24.54 10.64
C ASP D 125 14.07 25.63 11.24
N ARG D 126 14.26 25.90 12.53
CA ARG D 126 13.38 26.78 13.30
C ARG D 126 13.21 28.18 12.70
N VAL D 127 14.31 28.79 12.25
CA VAL D 127 14.27 30.11 11.62
C VAL D 127 13.52 30.06 10.28
N ARG D 128 14.01 29.21 9.36
CA ARG D 128 13.41 29.05 8.04
C ARG D 128 11.91 28.74 8.09
N PHE D 129 11.53 27.91 9.06
CA PHE D 129 10.12 27.53 9.25
C PHE D 129 9.23 28.72 9.62
N LEU D 130 9.73 29.60 10.49
CA LEU D 130 8.99 30.80 10.87
C LEU D 130 8.64 31.65 9.65
N GLN D 131 9.61 31.79 8.75
CA GLN D 131 9.37 32.45 7.46
C GLN D 131 8.37 31.66 6.62
N THR D 132 8.57 30.35 6.55
CA THR D 132 7.67 29.46 5.80
C THR D 132 6.22 29.63 6.25
N ILE D 133 6.01 29.74 7.55
CA ILE D 133 4.70 29.97 8.14
C ILE D 133 4.08 31.26 7.61
N LYS D 134 4.85 32.34 7.65
CA LYS D 134 4.42 33.61 7.06
C LYS D 134 4.12 33.47 5.57
N ASP D 135 5.05 32.87 4.83
CA ASP D 135 4.87 32.61 3.40
C ASP D 135 3.56 31.87 3.13
N ILE D 136 3.28 30.85 3.95
CA ILE D 136 2.01 30.13 3.93
C ILE D 136 0.82 31.05 4.25
N ALA D 137 0.92 31.78 5.35
CA ALA D 137 -0.13 32.74 5.77
C ALA D 137 -0.45 33.77 4.69
N SER D 138 0.58 34.18 3.96
CA SER D 138 0.45 35.12 2.85
C SER D 138 -0.18 34.45 1.63
N ALA D 139 0.18 33.19 1.39
CA ALA D 139 -0.39 32.41 0.30
C ALA D 139 -1.88 32.10 0.52
N ILE D 140 -2.25 31.91 1.79
CA ILE D 140 -3.63 31.66 2.18
C ILE D 140 -4.47 32.89 1.90
N LYS D 141 -4.00 34.05 2.41
CA LYS D 141 -4.67 35.32 2.19
C LYS D 141 -4.87 35.57 0.70
N GLU D 142 -3.78 35.47 -0.06
CA GLU D 142 -3.80 35.73 -1.51
C GLU D 142 -4.85 34.89 -2.25
N LEU D 143 -4.91 33.60 -1.93
CA LEU D 143 -5.91 32.70 -2.52
C LEU D 143 -7.33 33.09 -2.14
N LEU D 144 -7.53 33.36 -0.84
CA LEU D 144 -8.83 33.71 -0.31
C LEU D 144 -9.34 35.05 -0.89
N ASP D 145 -8.40 35.93 -1.26
CA ASP D 145 -8.72 37.16 -1.97
C ASP D 145 -9.16 36.87 -3.40
N THR D 146 -8.48 35.93 -4.05
CA THR D 146 -8.79 35.56 -5.43
C THR D 146 -10.17 34.92 -5.52
N VAL D 147 -10.49 34.08 -4.55
CA VAL D 147 -11.80 33.43 -4.43
C VAL D 147 -12.91 34.49 -4.29
N ASN D 148 -12.66 35.49 -3.46
CA ASN D 148 -13.63 36.55 -3.20
C ASN D 148 -13.97 37.40 -4.42
N ASN D 149 -12.98 37.65 -5.28
CA ASN D 149 -13.19 38.44 -6.49
C ASN D 149 -13.82 37.65 -7.65
N VAL D 150 -13.57 36.35 -7.68
CA VAL D 150 -14.26 35.45 -8.62
C VAL D 150 -15.70 35.21 -8.17
N PHE D 151 -15.99 35.58 -6.92
CA PHE D 151 -17.35 35.63 -6.42
C PHE D 151 -17.92 37.05 -6.58
N LYS D 152 -17.07 38.06 -6.44
CA LYS D 152 -17.47 39.47 -6.47
C LYS D 152 -17.85 39.94 -7.87
N LYS D 153 -17.07 39.53 -8.88
CA LYS D 153 -17.30 39.95 -10.25
C LYS D 153 -17.76 38.81 -11.16
N TYR D 154 -18.77 38.08 -10.71
CA TYR D 154 -19.39 37.01 -11.52
C TYR D 154 -20.86 36.77 -11.17
N GLN D 155 -21.15 36.59 -9.88
CA GLN D 155 -22.45 36.08 -9.41
C GLN D 155 -22.70 34.69 -9.99
N TYR D 156 -22.08 33.69 -9.38
CA TYR D 156 -22.04 32.33 -9.91
C TYR D 156 -23.39 31.61 -9.84
N GLN D 157 -23.51 30.53 -10.60
CA GLN D 157 -24.76 29.74 -10.67
C GLN D 157 -25.01 28.96 -9.39
N ASN D 158 -23.94 28.39 -8.82
CA ASN D 158 -24.02 27.69 -7.53
C ASN D 158 -24.44 28.65 -6.42
N ARG D 159 -25.23 28.16 -5.47
CA ARG D 159 -25.67 28.97 -4.34
C ARG D 159 -24.57 29.10 -3.28
N ARG D 160 -24.95 29.00 -2.00
CA ARG D 160 -23.99 29.06 -0.91
C ARG D 160 -23.14 27.78 -0.81
N ALA D 161 -23.29 26.91 -1.82
CA ALA D 161 -22.46 25.70 -1.94
C ALA D 161 -20.99 26.08 -2.11
N LEU D 162 -20.75 27.22 -2.76
CA LEU D 162 -19.43 27.83 -2.81
C LEU D 162 -19.08 28.42 -1.46
N GLU D 163 -20.02 29.20 -0.91
CA GLU D 163 -19.84 29.88 0.37
C GLU D 163 -19.55 28.90 1.50
N HIS D 164 -20.29 27.79 1.52
CA HIS D 164 -20.07 26.69 2.46
C HIS D 164 -18.61 26.25 2.40
N GLN D 165 -18.10 26.04 1.19
CA GLN D 165 -16.73 25.58 0.98
C GLN D 165 -15.70 26.65 1.30
N LYS D 166 -16.04 27.90 1.00
CA LYS D 166 -15.26 29.07 1.41
C LYS D 166 -15.18 29.11 2.94
N LYS D 167 -16.31 28.89 3.60
CA LYS D 167 -16.37 28.81 5.06
C LYS D 167 -15.55 27.64 5.60
N GLU D 168 -15.65 26.50 4.93
CA GLU D 168 -14.92 25.30 5.33
C GLU D 168 -13.41 25.50 5.25
N PHE D 169 -12.94 26.17 4.20
CA PHE D 169 -11.51 26.48 4.06
C PHE D 169 -11.01 27.32 5.23
N VAL D 170 -11.73 28.41 5.53
CA VAL D 170 -11.39 29.30 6.64
C VAL D 170 -11.34 28.54 7.97
N LYS D 171 -12.32 27.66 8.17
CA LYS D 171 -12.38 26.77 9.33
C LYS D 171 -11.11 25.92 9.43
N TYR D 172 -10.77 25.23 8.34
CA TYR D 172 -9.60 24.35 8.32
C TYR D 172 -8.27 25.11 8.33
N SER D 173 -8.27 26.31 7.76
CA SER D 173 -7.11 27.19 7.78
C SER D 173 -6.84 27.69 9.21
N LYS D 174 -7.92 28.07 9.90
CA LYS D 174 -7.87 28.44 11.32
C LYS D 174 -7.31 27.28 12.15
N SER D 175 -7.82 26.08 11.89
CA SER D 175 -7.39 24.84 12.56
C SER D 175 -5.91 24.55 12.36
N PHE D 176 -5.41 24.77 11.13
CA PHE D 176 -4.00 24.64 10.81
C PHE D 176 -3.12 25.57 11.63
N SER D 177 -3.46 26.86 11.64
CA SER D 177 -2.76 27.85 12.46
C SER D 177 -2.84 27.47 13.94
N ASP D 178 -3.93 26.82 14.32
CA ASP D 178 -4.13 26.35 15.68
C ASP D 178 -3.27 25.12 15.98
N THR D 179 -3.16 24.21 15.00
CA THR D 179 -2.29 23.04 15.09
C THR D 179 -0.82 23.47 15.25
N LEU D 180 -0.49 24.62 14.64
CA LEU D 180 0.86 25.19 14.70
C LEU D 180 1.29 25.65 16.09
N LYS D 181 0.40 26.35 16.80
CA LYS D 181 0.69 26.84 18.13
C LYS D 181 0.75 25.69 19.14
N THR D 182 0.09 24.58 18.79
CA THR D 182 0.19 23.35 19.58
C THR D 182 1.55 22.67 19.33
N TYR D 183 2.00 22.69 18.08
CA TYR D 183 3.30 22.09 17.71
C TYR D 183 4.46 22.69 18.50
N PHE D 184 4.40 23.98 18.80
CA PHE D 184 5.43 24.64 19.60
C PHE D 184 5.28 24.37 21.10
N LYS D 185 4.47 23.38 21.45
CA LYS D 185 4.24 22.99 22.85
C LYS D 185 4.45 21.49 23.09
N ASP D 186 4.32 20.69 22.03
CA ASP D 186 4.52 19.24 22.13
C ASP D 186 5.49 18.67 21.07
N GLY D 187 5.79 19.48 20.06
CA GLY D 187 6.82 19.16 19.07
C GLY D 187 6.50 18.05 18.09
N LYS D 188 5.23 17.66 18.02
CA LYS D 188 4.82 16.55 17.15
C LYS D 188 4.51 17.05 15.74
N ALA D 189 5.45 16.82 14.83
CA ALA D 189 5.34 17.26 13.43
C ALA D 189 4.17 16.63 12.69
N ILE D 190 3.89 15.37 13.00
CA ILE D 190 2.83 14.61 12.33
C ILE D 190 1.49 15.36 12.32
N ASN D 191 1.21 16.11 13.38
CA ASN D 191 -0.01 16.93 13.47
C ASN D 191 -0.03 18.05 12.43
N VAL D 192 1.13 18.66 12.16
CA VAL D 192 1.26 19.70 11.15
C VAL D 192 1.11 19.13 9.72
N PHE D 193 1.72 17.95 9.48
CA PHE D 193 1.60 17.25 8.20
C PHE D 193 0.13 16.91 7.93
N VAL D 194 -0.52 16.34 8.93
CA VAL D 194 -1.93 15.92 8.85
C VAL D 194 -2.84 17.10 8.56
N SER D 195 -2.60 18.20 9.27
CA SER D 195 -3.38 19.42 9.11
C SER D 195 -3.13 20.12 7.77
N ALA D 196 -1.87 20.11 7.32
CA ALA D 196 -1.53 20.65 6.01
C ALA D 196 -2.19 19.86 4.88
N ASN D 197 -2.16 18.52 5.00
CA ASN D 197 -2.83 17.64 4.03
C ASN D 197 -4.31 17.92 3.93
N ARG D 198 -4.93 18.21 5.08
CA ARG D 198 -6.37 18.52 5.13
C ARG D 198 -6.65 19.86 4.47
N LEU D 199 -5.70 20.79 4.61
CA LEU D 199 -5.81 22.11 4.03
C LEU D 199 -5.61 22.07 2.51
N ILE D 200 -4.75 21.16 2.05
CA ILE D 200 -4.55 20.93 0.62
C ILE D 200 -5.82 20.38 0.01
N HIS D 201 -6.51 19.51 0.74
CA HIS D 201 -7.76 18.90 0.26
C HIS D 201 -8.88 19.93 0.11
N GLN D 202 -9.00 20.85 1.08
CA GLN D 202 -10.00 21.91 1.04
C GLN D 202 -9.73 22.82 -0.16
N THR D 203 -8.46 23.06 -0.41
CA THR D 203 -8.03 23.83 -1.57
C THR D 203 -8.55 23.17 -2.86
N ASN D 204 -8.32 21.87 -2.99
CA ASN D 204 -8.84 21.13 -4.15
C ASN D 204 -10.36 21.07 -4.23
N LEU D 205 -11.02 21.05 -3.06
CA LEU D 205 -12.48 21.12 -3.00
C LEU D 205 -13.01 22.44 -3.53
N ILE D 206 -12.28 23.53 -3.26
CA ILE D 206 -12.61 24.85 -3.80
C ILE D 206 -12.61 24.83 -5.33
N LEU D 207 -11.50 24.41 -5.92
CA LEU D 207 -11.34 24.34 -7.37
C LEU D 207 -12.45 23.54 -8.07
N GLN D 208 -12.81 22.40 -7.47
CA GLN D 208 -13.84 21.52 -8.01
C GLN D 208 -15.24 22.12 -7.95
N THR D 209 -15.50 22.91 -6.91
CA THR D 209 -16.79 23.59 -6.75
C THR D 209 -17.02 24.56 -7.90
N PHE D 210 -15.97 25.27 -8.29
CA PHE D 210 -16.05 26.24 -9.39
C PHE D 210 -16.28 25.59 -10.75
N LYS D 211 -15.56 24.50 -11.03
CA LYS D 211 -15.63 23.82 -12.32
C LYS D 211 -17.08 23.60 -12.81
N THR D 212 -17.84 22.78 -12.08
CA THR D 212 -19.25 22.55 -12.40
C THR D 212 -20.13 23.70 -11.92
N ALA E 1 19.64 -4.35 39.89
CA ALA E 1 18.16 -4.46 39.72
C ALA E 1 17.78 -5.12 38.39
N THR E 2 18.36 -4.62 37.30
CA THR E 2 18.19 -5.23 35.98
C THR E 2 19.02 -6.50 35.87
N ARG E 3 20.11 -6.57 36.64
CA ARG E 3 21.08 -7.66 36.61
C ARG E 3 20.45 -9.04 36.81
N GLU E 4 19.69 -9.21 37.88
CA GLU E 4 19.12 -10.52 38.25
C GLU E 4 18.09 -11.05 37.26
N LEU E 5 17.46 -10.14 36.51
CA LEU E 5 16.56 -10.54 35.43
C LEU E 5 17.37 -11.07 34.25
N ASP E 6 18.52 -10.44 34.01
CA ASP E 6 19.44 -10.87 32.95
C ASP E 6 20.16 -12.16 33.34
N GLU E 7 20.39 -12.33 34.64
CA GLU E 7 21.04 -13.52 35.20
C GLU E 7 20.11 -14.73 35.17
N LEU E 8 18.81 -14.48 35.27
CA LEU E 8 17.81 -15.54 35.24
C LEU E 8 17.65 -16.08 33.82
N MET E 9 17.54 -15.18 32.85
CA MET E 9 17.35 -15.58 31.45
C MET E 9 18.62 -16.21 30.86
N ALA E 10 19.75 -15.98 31.52
CA ALA E 10 21.03 -16.59 31.14
C ALA E 10 21.07 -18.07 31.56
N SER E 11 20.47 -18.38 32.70
CA SER E 11 20.38 -19.76 33.20
C SER E 11 19.47 -20.62 32.32
N LEU E 12 18.50 -19.97 31.67
CA LEU E 12 17.51 -20.65 30.85
C LEU E 12 17.95 -20.76 29.39
#